data_5HMF
#
_entry.id   5HMF
#
_cell.length_a   57.250
_cell.length_b   101.670
_cell.length_c   80.430
_cell.angle_alpha   90.00
_cell.angle_beta   104.02
_cell.angle_gamma   90.00
#
_symmetry.space_group_name_H-M   'P 1 21 1'
#
loop_
_entity.id
_entity.type
_entity.pdbx_description
1 polymer 'Triazine hydrolase'
2 non-polymer 'ZINC ION'
3 water water
#
_entity_poly.entity_id   1
_entity_poly.type   'polypeptide(L)'
_entity_poly.pdbx_seq_one_letter_code
;ERMILIRGLTRVITFDDQERELEDADILIDGPKIVAVGKNLSDRSVSRTIDGRGMIALPGLINSHQHLYEGAMRAIPQLE
RVTMASWLEGVLTRSAGWWRDGKFGPDVIREVARAVLLESLLGGITTVADQHPFFPGATADSYIDATIEAATDLGIRFHA
VRSSMTLGKSEGGFCDDLFVEPVDRVVQHCLGLIDQYHEPEPFGMVRIALGPCGVTHDKPELFEAFAQMAADYDVRLHTH
FYQPLDAGMSDHLYGMTPWRFLEKHGWASDRVWLAHAVVPPREEIPEFADAGVAIAHLIAPDLRLGWGLAPIREYLDAGI
TVGFGTTGSASNDGGNLLGDLRLAALAHRPADPNEPEKWLSARELLRMATRGSAECLGRPDLGVLEEGRAADIACWRLDG
VDRVGVHDPAIGLIMTGLSDRASLVVVNGQVLVENERPVLADLERIVANTTALIPKNL
;
_entity_poly.pdbx_strand_id   A,B
#
loop_
_chem_comp.id
_chem_comp.type
_chem_comp.name
_chem_comp.formula
ZN non-polymer 'ZINC ION' 'Zn 2'
#
# COMPACT_ATOMS: atom_id res chain seq x y z
N GLU A 1 4.79 35.91 -16.59
CA GLU A 1 5.56 36.11 -17.84
C GLU A 1 7.10 36.26 -17.81
N ARG A 2 7.89 35.63 -16.93
CA ARG A 2 7.56 34.96 -15.66
C ARG A 2 6.78 33.63 -15.71
N MET A 3 6.62 33.03 -16.87
CA MET A 3 5.97 31.72 -16.96
C MET A 3 6.93 30.57 -16.56
N ILE A 4 6.35 29.43 -16.19
CA ILE A 4 7.13 28.23 -15.91
C ILE A 4 6.77 27.17 -16.94
N LEU A 5 7.79 26.50 -17.46
CA LEU A 5 7.63 25.44 -18.45
C LEU A 5 8.18 24.14 -17.92
N ILE A 6 7.32 23.12 -17.86
CA ILE A 6 7.76 21.78 -17.58
C ILE A 6 7.85 21.05 -18.91
N ARG A 7 9.07 20.77 -19.35
CA ARG A 7 9.31 20.26 -20.69
C ARG A 7 9.68 18.79 -20.72
N GLY A 8 9.05 18.09 -21.65
CA GLY A 8 9.49 16.74 -21.97
C GLY A 8 9.02 15.68 -21.01
N LEU A 9 7.90 15.94 -20.34
CA LEU A 9 7.29 14.92 -19.50
C LEU A 9 7.02 13.69 -20.32
N THR A 10 7.42 12.55 -19.78
CA THR A 10 7.30 11.29 -20.48
C THR A 10 5.86 10.88 -20.67
N ARG A 11 5.02 11.14 -19.68
CA ARG A 11 3.59 10.87 -19.79
C ARG A 11 2.84 11.97 -19.04
N VAL A 12 1.76 12.45 -19.67
CA VAL A 12 0.85 13.41 -19.05
C VAL A 12 -0.54 12.78 -19.05
N ILE A 13 -1.14 12.70 -17.87
CA ILE A 13 -2.52 12.23 -17.75
C ILE A 13 -3.41 13.44 -17.46
N THR A 14 -4.30 13.83 -18.39
CA THR A 14 -5.01 15.11 -18.22
C THR A 14 -6.31 15.02 -17.45
N PHE A 15 -7.02 13.90 -17.59
CA PHE A 15 -8.42 13.80 -17.16
C PHE A 15 -9.26 14.96 -17.69
N ASP A 16 -8.99 15.38 -18.91
CA ASP A 16 -9.86 16.36 -19.54
C ASP A 16 -11.07 15.62 -20.09
N ASP A 17 -11.95 16.31 -20.79
CA ASP A 17 -13.20 15.70 -21.22
C ASP A 17 -12.99 14.55 -22.21
N GLN A 18 -11.86 14.58 -22.91
CA GLN A 18 -11.54 13.50 -23.83
C GLN A 18 -10.56 12.50 -23.24
N GLU A 19 -10.24 12.65 -21.96
CA GLU A 19 -9.31 11.75 -21.28
C GLU A 19 -7.97 11.68 -21.99
N ARG A 20 -7.55 12.81 -22.56
CA ARG A 20 -6.30 12.87 -23.32
C ARG A 20 -5.16 12.43 -22.42
N GLU A 21 -4.22 11.71 -23.00
CA GLU A 21 -2.92 11.51 -22.41
C GLU A 21 -1.91 11.89 -23.47
N LEU A 22 -0.71 12.27 -23.03
CA LEU A 22 0.33 12.74 -23.92
C LEU A 22 1.63 12.10 -23.53
N GLU A 23 2.52 11.88 -24.49
N GLU A 23 2.52 11.96 -24.52
CA GLU A 23 3.86 11.47 -24.09
CA GLU A 23 3.84 11.39 -24.32
C GLU A 23 4.86 12.37 -24.78
C GLU A 23 4.86 12.42 -24.80
N ASP A 24 5.98 12.56 -24.09
CA ASP A 24 6.97 13.56 -24.44
C ASP A 24 6.35 14.93 -24.69
N ALA A 25 5.73 15.51 -23.64
CA ALA A 25 4.92 16.71 -23.81
C ALA A 25 5.17 17.72 -22.67
N ASP A 26 4.59 18.90 -22.80
CA ASP A 26 4.93 20.00 -21.95
C ASP A 26 3.70 20.55 -21.22
N ILE A 27 3.97 21.23 -20.11
CA ILE A 27 2.95 22.00 -19.40
C ILE A 27 3.47 23.40 -19.18
N LEU A 28 2.69 24.36 -19.63
CA LEU A 28 3.07 25.75 -19.56
C LEU A 28 2.21 26.46 -18.55
N ILE A 29 2.87 27.12 -17.60
CA ILE A 29 2.25 27.75 -16.45
C ILE A 29 2.52 29.25 -16.42
N ASP A 30 1.48 30.01 -16.11
CA ASP A 30 1.58 31.45 -15.89
C ASP A 30 0.79 31.87 -14.66
N GLY A 31 1.49 32.30 -13.61
CA GLY A 31 0.81 32.68 -12.39
C GLY A 31 0.14 31.45 -11.79
N PRO A 32 -1.14 31.54 -11.44
CA PRO A 32 -1.81 30.39 -10.84
C PRO A 32 -2.43 29.42 -11.85
N LYS A 33 -2.27 29.64 -13.14
CA LYS A 33 -3.04 28.83 -14.06
C LYS A 33 -2.22 28.18 -15.17
N ILE A 34 -2.78 27.10 -15.70
CA ILE A 34 -2.19 26.37 -16.79
C ILE A 34 -2.53 27.12 -18.07
N VAL A 35 -1.52 27.31 -18.90
CA VAL A 35 -1.64 28.02 -20.18
C VAL A 35 -1.84 27.05 -21.34
N ALA A 36 -1.06 25.98 -21.32
CA ALA A 36 -1.16 25.00 -22.36
C ALA A 36 -0.62 23.67 -21.88
N VAL A 37 -1.15 22.63 -22.49
CA VAL A 37 -0.65 21.27 -22.36
C VAL A 37 -0.49 20.71 -23.76
N GLY A 38 0.74 20.40 -24.13
CA GLY A 38 0.97 19.86 -25.46
C GLY A 38 2.43 19.67 -25.79
N LYS A 39 2.68 19.17 -27.00
CA LYS A 39 4.05 18.95 -27.47
C LYS A 39 4.72 20.25 -27.84
N ASN A 40 6.02 20.34 -27.55
CA ASN A 40 6.87 21.45 -28.01
C ASN A 40 6.24 22.82 -27.85
N LEU A 41 5.90 23.16 -26.61
CA LEU A 41 5.37 24.48 -26.32
C LEU A 41 6.50 25.51 -26.34
N SER A 42 6.13 26.74 -26.70
CA SER A 42 7.07 27.84 -26.75
C SER A 42 7.56 28.27 -25.38
N ASP A 43 8.85 28.54 -25.29
CA ASP A 43 9.42 29.07 -24.07
C ASP A 43 9.69 30.56 -24.20
N ARG A 44 8.96 31.20 -25.10
CA ARG A 44 9.16 32.62 -25.40
C ARG A 44 9.12 33.49 -24.14
N SER A 45 8.03 33.43 -23.38
CA SER A 45 7.92 34.28 -22.19
C SER A 45 8.20 33.51 -20.90
N VAL A 46 9.02 32.47 -21.01
CA VAL A 46 9.34 31.62 -19.87
C VAL A 46 10.58 32.12 -19.14
N SER A 47 10.44 32.26 -17.83
CA SER A 47 11.54 32.63 -16.95
C SER A 47 12.21 31.39 -16.34
N ARG A 48 11.57 30.24 -16.45
CA ARG A 48 12.12 29.00 -15.91
C ARG A 48 11.61 27.78 -16.62
N THR A 49 12.53 26.89 -17.01
CA THR A 49 12.15 25.62 -17.63
C THR A 49 12.60 24.48 -16.72
N ILE A 50 11.67 23.57 -16.48
CA ILE A 50 11.90 22.40 -15.63
C ILE A 50 11.91 21.18 -16.52
N ASP A 51 12.91 20.34 -16.31
CA ASP A 51 13.09 19.13 -17.07
C ASP A 51 12.20 18.01 -16.56
N GLY A 52 11.17 17.68 -17.34
CA GLY A 52 10.21 16.66 -16.95
C GLY A 52 10.48 15.28 -17.48
N ARG A 53 11.60 15.10 -18.18
CA ARG A 53 11.92 13.80 -18.71
C ARG A 53 12.00 12.73 -17.63
N GLY A 54 11.35 11.60 -17.87
CA GLY A 54 11.42 10.46 -16.96
C GLY A 54 10.35 10.52 -15.88
N MET A 55 9.45 11.49 -16.01
CA MET A 55 8.32 11.65 -15.08
C MET A 55 6.95 11.45 -15.70
N ILE A 56 5.99 11.07 -14.86
CA ILE A 56 4.57 11.15 -15.23
C ILE A 56 3.95 12.32 -14.46
N ALA A 57 3.17 13.15 -15.15
CA ALA A 57 2.44 14.28 -14.58
C ALA A 57 0.95 13.97 -14.55
N LEU A 58 0.33 14.25 -13.40
CA LEU A 58 -1.11 14.20 -13.21
C LEU A 58 -1.59 15.51 -12.70
N PRO A 59 -2.91 15.75 -12.75
CA PRO A 59 -3.42 16.80 -11.86
C PRO A 59 -2.96 16.54 -10.41
N GLY A 60 -2.77 17.59 -9.63
CA GLY A 60 -2.49 17.43 -8.22
C GLY A 60 -3.55 16.56 -7.54
N LEU A 61 -3.14 15.62 -6.70
CA LEU A 61 -4.11 14.81 -6.00
C LEU A 61 -4.90 15.63 -4.99
N ILE A 62 -6.16 15.26 -4.77
CA ILE A 62 -7.03 16.03 -3.90
C ILE A 62 -7.63 15.13 -2.86
N ASN A 63 -7.27 15.39 -1.59
CA ASN A 63 -7.70 14.54 -0.50
C ASN A 63 -8.97 15.14 0.05
N SER A 64 -10.10 14.54 -0.31
CA SER A 64 -11.39 15.18 -0.04
C SER A 64 -11.90 14.87 1.36
N HIS A 65 -11.12 14.19 2.17
CA HIS A 65 -11.54 13.91 3.53
C HIS A 65 -10.33 13.66 4.44
N GLN A 66 -9.95 14.67 5.22
CA GLN A 66 -8.95 14.52 6.27
C GLN A 66 -9.46 14.83 7.69
N HIS A 67 -8.68 14.41 8.68
CA HIS A 67 -8.80 14.90 10.07
C HIS A 67 -7.40 15.14 10.60
N LEU A 68 -6.86 16.32 10.34
CA LEU A 68 -5.43 16.53 10.52
C LEU A 68 -4.95 16.33 11.96
N TYR A 69 -5.75 16.74 12.92
CA TYR A 69 -5.36 16.64 14.33
C TYR A 69 -5.11 15.19 14.76
N GLU A 70 -5.69 14.24 14.03
CA GLU A 70 -5.45 12.82 14.31
C GLU A 70 -4.05 12.34 13.91
N GLY A 71 -3.25 13.18 13.27
CA GLY A 71 -1.87 12.83 12.97
C GLY A 71 -1.10 12.51 14.24
N ALA A 72 -1.60 13.03 15.35
CA ALA A 72 -0.99 12.83 16.65
C ALA A 72 -1.39 11.47 17.25
N MET A 73 -2.21 10.69 16.55
CA MET A 73 -2.82 9.48 17.13
C MET A 73 -2.55 8.19 16.33
N ARG A 74 -1.44 8.19 15.62
CA ARG A 74 -1.03 7.08 14.79
C ARG A 74 -0.49 5.89 15.55
N ALA A 75 -0.90 4.70 15.11
CA ALA A 75 -0.23 3.44 15.51
C ALA A 75 -0.21 3.28 17.03
N ILE A 76 -1.37 3.48 17.63
CA ILE A 76 -1.53 3.36 19.08
C ILE A 76 -1.89 1.92 19.33
N PRO A 77 -1.06 1.18 20.09
CA PRO A 77 -1.35 -0.27 20.24
C PRO A 77 -2.80 -0.59 20.62
N GLN A 78 -3.37 0.17 21.55
CA GLN A 78 -4.73 -0.03 22.05
C GLN A 78 -5.82 0.23 21.02
N LEU A 79 -5.47 0.83 19.90
CA LEU A 79 -6.44 1.10 18.87
C LEU A 79 -6.08 0.34 17.58
N GLU A 80 -5.15 -0.60 17.67
CA GLU A 80 -4.73 -1.29 16.45
C GLU A 80 -5.83 -2.11 15.83
N ARG A 81 -6.41 -2.99 16.64
CA ARG A 81 -7.49 -3.86 16.23
C ARG A 81 -8.72 -3.51 17.06
N VAL A 82 -9.51 -2.57 16.56
CA VAL A 82 -10.71 -2.09 17.26
C VAL A 82 -11.86 -1.82 16.31
N THR A 83 -12.94 -1.38 16.94
N THR A 83 -13.05 -2.14 16.79
CA THR A 83 -14.31 -1.79 16.70
CA THR A 83 -14.22 -1.85 16.04
C THR A 83 -15.36 -0.66 16.58
C THR A 83 -14.50 -0.42 16.34
N MET A 84 -15.34 0.15 15.51
CA MET A 84 -15.75 1.57 15.57
C MET A 84 -16.01 2.10 16.97
N ALA A 85 -16.88 1.41 17.70
CA ALA A 85 -17.29 1.84 19.03
C ALA A 85 -16.08 2.00 19.94
N SER A 86 -15.23 0.99 20.00
CA SER A 86 -14.02 1.10 20.81
C SER A 86 -13.05 2.13 20.26
N TRP A 87 -12.96 2.20 18.94
CA TRP A 87 -12.08 3.17 18.30
C TRP A 87 -12.50 4.59 18.61
N LEU A 88 -13.77 4.89 18.34
CA LEU A 88 -14.29 6.22 18.54
C LEU A 88 -14.14 6.63 20.01
N GLU A 89 -14.44 5.70 20.90
CA GLU A 89 -14.26 5.99 22.30
C GLU A 89 -12.79 6.29 22.63
N GLY A 90 -11.87 5.57 22.03
CA GLY A 90 -10.47 5.78 22.32
C GLY A 90 -9.93 7.10 21.78
N VAL A 91 -10.44 7.52 20.63
CA VAL A 91 -10.04 8.81 20.05
C VAL A 91 -10.63 9.98 20.85
N LEU A 92 -11.88 9.86 21.26
CA LEU A 92 -12.54 10.92 22.02
C LEU A 92 -11.89 11.06 23.40
N THR A 93 -11.61 9.93 24.04
CA THR A 93 -10.96 9.92 25.32
C THR A 93 -9.59 10.62 25.29
N ARG A 94 -8.82 10.33 24.25
CA ARG A 94 -7.50 10.91 24.11
C ARG A 94 -7.56 12.39 23.76
N SER A 95 -8.41 12.78 22.79
CA SER A 95 -8.48 14.19 22.46
C SER A 95 -8.97 14.99 23.68
N ALA A 96 -9.86 14.43 24.47
CA ALA A 96 -10.38 15.15 25.63
C ALA A 96 -9.35 15.21 26.76
N GLY A 97 -8.64 14.11 26.99
CA GLY A 97 -7.62 14.07 28.02
C GLY A 97 -6.41 14.94 27.73
N TRP A 98 -5.87 14.84 26.51
CA TRP A 98 -4.77 15.70 26.12
C TRP A 98 -5.18 17.16 26.21
N TRP A 99 -6.39 17.46 25.75
CA TRP A 99 -6.81 18.86 25.76
C TRP A 99 -6.89 19.40 27.17
N ARG A 100 -7.54 18.67 28.07
CA ARG A 100 -7.73 19.25 29.38
C ARG A 100 -6.39 19.34 30.14
N ASP A 101 -5.42 18.53 29.75
CA ASP A 101 -4.06 18.59 30.32
C ASP A 101 -3.18 19.60 29.61
N GLY A 102 -3.74 20.35 28.69
CA GLY A 102 -3.03 21.48 28.12
C GLY A 102 -2.09 21.08 27.02
N LYS A 103 -2.23 19.85 26.53
CA LYS A 103 -1.34 19.30 25.51
C LYS A 103 -1.89 19.30 24.08
N PHE A 104 -3.05 19.90 23.87
CA PHE A 104 -3.78 19.69 22.62
C PHE A 104 -4.60 20.92 22.21
N GLY A 105 -4.01 22.08 22.41
CA GLY A 105 -4.63 23.33 22.02
C GLY A 105 -4.37 23.61 20.55
N PRO A 106 -4.96 24.71 20.04
CA PRO A 106 -4.78 25.13 18.65
C PRO A 106 -3.31 25.20 18.23
N ASP A 107 -2.40 25.54 19.14
N ASP A 107 -2.42 25.53 19.17
CA ASP A 107 -0.98 25.63 18.77
CA ASP A 107 -0.99 25.62 18.87
C ASP A 107 -0.34 24.26 18.51
C ASP A 107 -0.40 24.27 18.47
N VAL A 108 -0.81 23.22 19.16
CA VAL A 108 -0.31 21.87 18.89
C VAL A 108 -0.90 21.42 17.58
N ILE A 109 -2.19 21.66 17.42
CA ILE A 109 -2.93 21.23 16.25
C ILE A 109 -2.31 21.90 15.01
N ARG A 110 -1.81 23.11 15.17
CA ARG A 110 -1.18 23.83 14.06
C ARG A 110 0.03 23.07 13.57
N GLU A 111 0.82 22.54 14.50
CA GLU A 111 2.06 21.89 14.10
C GLU A 111 1.83 20.44 13.64
N VAL A 112 0.83 19.76 14.21
CA VAL A 112 0.40 18.46 13.70
C VAL A 112 -0.15 18.65 12.28
N ALA A 113 -0.87 19.74 12.06
CA ALA A 113 -1.43 19.99 10.72
C ALA A 113 -0.28 20.27 9.76
N ARG A 114 0.72 21.02 10.22
CA ARG A 114 1.84 21.36 9.35
C ARG A 114 2.56 20.10 8.87
N ALA A 115 2.64 19.12 9.76
CA ALA A 115 3.39 17.92 9.43
C ALA A 115 2.59 17.06 8.46
N VAL A 116 1.30 16.85 8.75
CA VAL A 116 0.47 16.01 7.88
C VAL A 116 0.27 16.70 6.53
N LEU A 117 0.13 18.02 6.52
CA LEU A 117 -0.03 18.72 5.25
C LEU A 117 1.30 18.74 4.44
N LEU A 118 2.45 18.70 5.10
CA LEU A 118 3.69 18.63 4.35
C LEU A 118 3.86 17.24 3.78
N GLU A 119 3.54 16.23 4.59
CA GLU A 119 3.42 14.86 4.10
C GLU A 119 2.57 14.77 2.84
N SER A 120 1.42 15.43 2.88
CA SER A 120 0.51 15.47 1.74
C SER A 120 1.18 16.02 0.47
N LEU A 121 1.81 17.18 0.57
CA LEU A 121 2.54 17.71 -0.56
C LEU A 121 3.57 16.72 -1.10
N LEU A 122 4.29 16.05 -0.20
CA LEU A 122 5.32 15.11 -0.59
C LEU A 122 4.73 13.84 -1.20
N GLY A 123 3.44 13.61 -0.97
CA GLY A 123 2.70 12.49 -1.57
C GLY A 123 1.97 12.88 -2.84
N GLY A 124 2.27 14.07 -3.31
CA GLY A 124 1.62 14.59 -4.52
C GLY A 124 0.24 15.20 -4.32
N ILE A 125 -0.13 15.52 -3.08
CA ILE A 125 -1.46 16.02 -2.78
C ILE A 125 -1.41 17.55 -2.71
N THR A 126 -2.21 18.21 -3.54
CA THR A 126 -2.12 19.66 -3.70
C THR A 126 -3.29 20.40 -3.08
N THR A 127 -4.40 19.69 -2.84
CA THR A 127 -5.52 20.18 -2.05
C THR A 127 -5.96 19.16 -0.99
N VAL A 128 -6.27 19.69 0.19
CA VAL A 128 -6.76 18.89 1.30
C VAL A 128 -8.00 19.55 1.87
N ALA A 129 -9.05 18.75 2.08
CA ALA A 129 -10.23 19.15 2.86
C ALA A 129 -10.16 18.55 4.25
N ASP A 130 -9.92 19.40 5.27
CA ASP A 130 -9.84 18.93 6.63
C ASP A 130 -11.16 19.17 7.36
N GLN A 131 -11.63 18.14 8.07
CA GLN A 131 -12.87 18.21 8.82
C GLN A 131 -12.51 18.10 10.29
N HIS A 132 -12.60 19.22 10.99
CA HIS A 132 -12.17 19.29 12.36
C HIS A 132 -13.40 19.40 13.21
N PRO A 133 -13.65 18.42 14.12
CA PRO A 133 -14.89 18.42 14.90
C PRO A 133 -14.74 18.80 16.37
N PHE A 134 -13.52 19.04 16.81
CA PHE A 134 -13.18 19.10 18.23
C PHE A 134 -13.06 20.56 18.72
N PHE A 135 -14.10 21.01 19.43
CA PHE A 135 -14.17 22.36 19.96
C PHE A 135 -14.64 22.34 21.42
N PRO A 136 -13.77 21.88 22.32
CA PRO A 136 -14.12 21.80 23.74
C PRO A 136 -14.09 23.17 24.37
N GLY A 137 -14.80 23.30 25.49
CA GLY A 137 -14.80 24.54 26.23
C GLY A 137 -16.12 25.28 26.11
N ALA A 138 -16.10 26.54 26.53
CA ALA A 138 -17.29 27.38 26.50
C ALA A 138 -17.20 28.35 25.32
N THR A 139 -16.06 28.37 24.65
CA THR A 139 -15.87 29.17 23.45
C THR A 139 -15.26 28.32 22.34
N ALA A 140 -15.71 28.53 21.11
CA ALA A 140 -15.17 27.77 19.98
C ALA A 140 -13.71 28.19 19.77
N ASP A 141 -12.77 27.31 20.09
N ASP A 141 -12.82 27.22 19.98
CA ASP A 141 -11.37 27.72 20.06
CA ASP A 141 -11.39 27.46 19.98
C ASP A 141 -10.87 27.70 18.62
C ASP A 141 -10.88 27.69 18.56
N SER A 142 -9.68 28.25 18.41
CA SER A 142 -9.19 28.58 17.08
C SER A 142 -8.47 27.45 16.34
N TYR A 143 -8.99 26.23 16.42
CA TYR A 143 -8.39 25.10 15.72
C TYR A 143 -8.36 25.28 14.20
N ILE A 144 -9.45 25.75 13.62
N ILE A 144 -9.45 25.76 13.63
CA ILE A 144 -9.50 25.94 12.16
CA ILE A 144 -9.52 25.98 12.19
C ILE A 144 -8.60 27.11 11.76
C ILE A 144 -8.55 27.08 11.79
N ASP A 145 -8.48 28.13 12.61
CA ASP A 145 -7.51 29.19 12.39
C ASP A 145 -6.10 28.61 12.29
N ALA A 146 -5.83 27.65 13.16
CA ALA A 146 -4.53 27.01 13.22
C ALA A 146 -4.26 26.17 11.97
N THR A 147 -5.25 25.40 11.51
CA THR A 147 -5.03 24.58 10.34
C THR A 147 -4.85 25.45 9.11
N ILE A 148 -5.67 26.50 8.99
CA ILE A 148 -5.55 27.43 7.87
C ILE A 148 -4.15 28.07 7.89
N GLU A 149 -3.65 28.38 9.08
CA GLU A 149 -2.33 29.00 9.19
C GLU A 149 -1.23 28.08 8.67
N ALA A 150 -1.24 26.84 9.15
CA ALA A 150 -0.31 25.83 8.63
C ALA A 150 -0.42 25.67 7.12
N ALA A 151 -1.65 25.51 6.61
CA ALA A 151 -1.85 25.30 5.19
C ALA A 151 -1.32 26.48 4.39
N THR A 152 -1.62 27.69 4.86
CA THR A 152 -1.14 28.91 4.25
C THR A 152 0.37 29.07 4.30
N ASP A 153 0.99 28.71 5.43
CA ASP A 153 2.44 28.74 5.51
C ASP A 153 3.06 27.85 4.44
N LEU A 154 2.45 26.69 4.20
CA LEU A 154 3.03 25.71 3.30
C LEU A 154 2.71 25.99 1.84
N GLY A 155 1.64 26.74 1.60
CA GLY A 155 1.13 26.99 0.26
C GLY A 155 0.30 25.86 -0.36
N ILE A 156 -0.20 24.95 0.49
CA ILE A 156 -1.10 23.90 -0.01
C ILE A 156 -2.52 24.46 -0.05
N ARG A 157 -3.28 24.05 -1.04
CA ARG A 157 -4.64 24.53 -1.22
C ARG A 157 -5.53 23.85 -0.19
N PHE A 158 -6.49 24.57 0.39
CA PHE A 158 -7.11 24.10 1.64
C PHE A 158 -8.61 24.41 1.77
N HIS A 159 -9.38 23.37 2.10
CA HIS A 159 -10.77 23.53 2.46
C HIS A 159 -10.92 23.13 3.93
N ALA A 160 -11.36 24.05 4.77
CA ALA A 160 -11.58 23.75 6.17
C ALA A 160 -13.05 23.49 6.37
N VAL A 161 -13.38 22.28 6.82
CA VAL A 161 -14.75 21.87 7.04
C VAL A 161 -15.06 21.92 8.53
N ARG A 162 -15.89 22.86 8.94
CA ARG A 162 -16.14 23.09 10.35
C ARG A 162 -17.09 21.99 10.83
N SER A 163 -16.62 21.13 11.70
CA SER A 163 -17.44 20.01 12.13
C SER A 163 -17.86 20.19 13.58
N SER A 164 -18.59 19.22 14.07
CA SER A 164 -19.21 19.30 15.39
C SER A 164 -19.77 17.97 15.85
N MET A 165 -20.25 17.94 17.08
CA MET A 165 -21.00 16.79 17.52
C MET A 165 -22.09 17.32 18.46
N THR A 166 -23.14 17.84 17.84
CA THR A 166 -24.16 18.61 18.53
C THR A 166 -25.26 17.76 19.16
N LEU A 167 -25.29 16.46 18.89
CA LEU A 167 -26.30 15.62 19.50
C LEU A 167 -25.74 15.02 20.78
N GLY A 168 -26.29 15.44 21.92
CA GLY A 168 -25.77 15.01 23.20
C GLY A 168 -26.17 13.58 23.55
N LYS A 169 -25.38 12.94 24.41
CA LYS A 169 -25.69 11.61 24.91
C LYS A 169 -27.10 11.60 25.51
N SER A 170 -27.46 12.73 26.10
CA SER A 170 -28.81 12.99 26.59
C SER A 170 -29.87 12.74 25.52
N GLU A 171 -29.66 13.31 24.34
CA GLU A 171 -30.64 13.22 23.25
C GLU A 171 -30.40 12.01 22.33
N GLY A 172 -29.64 11.03 22.81
CA GLY A 172 -29.39 9.82 22.06
C GLY A 172 -28.05 9.83 21.34
N GLY A 173 -27.18 10.76 21.73
CA GLY A 173 -25.90 10.95 21.09
C GLY A 173 -24.80 10.02 21.61
N PHE A 174 -23.67 10.04 20.90
CA PHE A 174 -22.57 9.11 21.14
C PHE A 174 -21.60 9.62 22.20
N CYS A 175 -21.39 10.94 22.19
CA CYS A 175 -20.24 11.55 22.83
C CYS A 175 -20.51 12.23 24.16
N ASP A 176 -19.45 12.39 24.93
CA ASP A 176 -19.47 13.15 26.18
C ASP A 176 -19.94 14.58 25.89
N ASP A 177 -20.67 15.17 26.85
CA ASP A 177 -21.25 16.50 26.65
C ASP A 177 -20.18 17.62 26.65
N LEU A 178 -18.93 17.22 26.78
CA LEU A 178 -17.79 18.13 26.62
C LEU A 178 -17.57 18.51 25.16
N PHE A 179 -17.87 17.57 24.25
CA PHE A 179 -17.73 17.81 22.82
C PHE A 179 -18.93 18.51 22.20
N VAL A 180 -20.01 18.65 22.98
CA VAL A 180 -21.31 19.06 22.46
C VAL A 180 -21.49 20.57 22.61
N GLU A 181 -21.62 21.21 21.47
CA GLU A 181 -21.91 22.64 21.42
C GLU A 181 -23.36 22.88 21.07
N PRO A 182 -23.95 23.97 21.59
CA PRO A 182 -25.28 24.36 21.13
C PRO A 182 -25.25 24.70 19.64
N VAL A 183 -26.33 24.40 18.93
CA VAL A 183 -26.32 24.56 17.48
C VAL A 183 -26.00 26.00 17.10
N ASP A 184 -26.56 26.96 17.82
CA ASP A 184 -26.32 28.38 17.53
C ASP A 184 -24.85 28.79 17.64
N ARG A 185 -24.14 28.22 18.60
CA ARG A 185 -22.70 28.45 18.70
C ARG A 185 -21.95 28.01 17.45
N VAL A 186 -22.26 26.81 16.98
CA VAL A 186 -21.68 26.28 15.73
C VAL A 186 -22.03 27.19 14.54
N VAL A 187 -23.29 27.59 14.43
CA VAL A 187 -23.74 28.38 13.30
C VAL A 187 -23.02 29.74 13.32
N GLN A 188 -23.03 30.39 14.49
CA GLN A 188 -22.37 31.67 14.70
C GLN A 188 -20.90 31.59 14.29
N HIS A 189 -20.23 30.55 14.79
CA HIS A 189 -18.83 30.36 14.51
C HIS A 189 -18.54 30.19 13.02
N CYS A 190 -19.38 29.43 12.34
CA CYS A 190 -19.17 29.18 10.91
C CYS A 190 -19.35 30.47 10.13
N LEU A 191 -20.29 31.30 10.56
CA LEU A 191 -20.51 32.56 9.86
C LEU A 191 -19.26 33.39 9.90
N GLY A 192 -18.63 33.44 11.06
CA GLY A 192 -17.42 34.21 11.19
C GLY A 192 -16.26 33.65 10.38
N LEU A 193 -16.18 32.33 10.29
CA LEU A 193 -15.09 31.73 9.53
C LEU A 193 -15.24 32.03 8.07
N ILE A 194 -16.48 31.96 7.56
CA ILE A 194 -16.70 32.25 6.16
C ILE A 194 -16.29 33.69 5.85
N ASP A 195 -16.78 34.62 6.67
CA ASP A 195 -16.42 36.03 6.50
C ASP A 195 -14.90 36.27 6.53
N GLN A 196 -14.20 35.61 7.44
CA GLN A 196 -12.78 35.86 7.62
C GLN A 196 -11.92 35.20 6.56
N TYR A 197 -12.27 33.98 6.18
CA TYR A 197 -11.35 33.12 5.42
C TYR A 197 -11.74 32.71 4.00
N HIS A 198 -13.03 32.69 3.70
CA HIS A 198 -13.49 32.02 2.48
C HIS A 198 -13.07 32.83 1.24
N GLU A 199 -12.42 32.17 0.30
CA GLU A 199 -11.94 32.76 -0.94
C GLU A 199 -12.69 32.13 -2.12
N PRO A 200 -13.84 32.71 -2.48
CA PRO A 200 -14.78 32.09 -3.43
C PRO A 200 -14.39 32.23 -4.89
N GLU A 201 -13.45 33.13 -5.18
CA GLU A 201 -13.00 33.38 -6.53
C GLU A 201 -12.27 32.17 -7.10
N PRO A 202 -12.23 32.04 -8.44
CA PRO A 202 -11.47 30.95 -9.03
C PRO A 202 -10.03 30.95 -8.55
N PHE A 203 -9.47 29.77 -8.34
CA PHE A 203 -8.10 29.62 -7.82
C PHE A 203 -7.95 30.05 -6.36
N GLY A 204 -9.06 30.29 -5.67
CA GLY A 204 -9.02 30.53 -4.23
C GLY A 204 -8.29 29.42 -3.46
N MET A 205 -7.50 29.84 -2.49
CA MET A 205 -6.56 28.96 -1.81
C MET A 205 -7.05 28.49 -0.45
N VAL A 206 -8.07 29.18 0.08
CA VAL A 206 -8.74 28.79 1.32
C VAL A 206 -10.26 28.89 1.09
N ARG A 207 -10.97 27.80 1.38
CA ARG A 207 -12.43 27.78 1.39
C ARG A 207 -12.97 27.10 2.64
N ILE A 208 -14.17 27.51 3.03
CA ILE A 208 -14.83 27.00 4.20
C ILE A 208 -16.02 26.15 3.76
N ALA A 209 -16.22 25.03 4.44
CA ALA A 209 -17.37 24.19 4.18
C ALA A 209 -17.98 23.84 5.53
N LEU A 210 -19.19 23.30 5.48
CA LEU A 210 -19.95 23.09 6.71
C LEU A 210 -20.20 21.62 6.83
N GLY A 211 -19.76 21.05 7.95
CA GLY A 211 -19.72 19.61 8.03
C GLY A 211 -20.04 18.97 9.36
N PRO A 212 -21.33 18.77 9.67
CA PRO A 212 -21.72 17.94 10.82
C PRO A 212 -21.05 16.58 10.78
N CYS A 213 -20.77 16.01 11.94
N CYS A 213 -20.75 16.01 11.94
CA CYS A 213 -20.14 14.69 11.99
CA CYS A 213 -20.14 14.68 11.98
C CYS A 213 -21.03 13.67 11.33
C CYS A 213 -21.04 13.65 11.34
N GLY A 214 -22.33 13.73 11.61
CA GLY A 214 -23.26 12.77 11.04
C GLY A 214 -24.71 12.88 11.46
N VAL A 215 -25.54 12.15 10.73
CA VAL A 215 -26.98 12.08 10.91
C VAL A 215 -27.36 11.62 12.31
N THR A 216 -26.49 10.82 12.92
CA THR A 216 -26.74 10.35 14.28
C THR A 216 -25.80 10.99 15.30
N HIS A 217 -25.11 12.07 14.93
CA HIS A 217 -24.21 12.75 15.86
C HIS A 217 -24.51 14.22 15.97
N ASP A 218 -25.44 14.70 15.15
CA ASP A 218 -25.76 16.13 15.13
C ASP A 218 -27.25 16.36 14.98
N LYS A 219 -27.70 17.47 15.54
CA LYS A 219 -29.11 17.79 15.53
C LYS A 219 -29.61 18.13 14.13
N PRO A 220 -30.84 17.68 13.81
CA PRO A 220 -31.42 18.02 12.52
C PRO A 220 -31.53 19.53 12.32
N GLU A 221 -31.67 20.30 13.39
CA GLU A 221 -31.64 21.75 13.30
C GLU A 221 -30.31 22.28 12.73
N LEU A 222 -29.20 21.61 13.04
CA LEU A 222 -27.92 22.04 12.52
C LEU A 222 -27.88 21.82 11.01
N PHE A 223 -28.35 20.65 10.57
CA PHE A 223 -28.40 20.36 9.15
C PHE A 223 -29.18 21.45 8.39
N GLU A 224 -30.32 21.87 8.92
CA GLU A 224 -31.14 22.88 8.24
C GLU A 224 -30.52 24.29 8.24
N ALA A 225 -29.88 24.66 9.34
CA ALA A 225 -29.17 25.93 9.42
C ALA A 225 -28.05 25.96 8.36
N PHE A 226 -27.27 24.88 8.32
CA PHE A 226 -26.22 24.77 7.33
C PHE A 226 -26.77 24.80 5.91
N ALA A 227 -27.89 24.13 5.63
CA ALA A 227 -28.51 24.22 4.32
C ALA A 227 -28.85 25.68 3.98
N GLN A 228 -29.38 26.41 4.94
CA GLN A 228 -29.64 27.86 4.74
C GLN A 228 -28.33 28.60 4.51
N MET A 229 -27.33 28.33 5.35
CA MET A 229 -26.10 29.10 5.30
C MET A 229 -25.38 28.85 3.98
N ALA A 230 -25.46 27.61 3.50
CA ALA A 230 -24.76 27.23 2.27
C ALA A 230 -25.40 27.90 1.06
N ALA A 231 -26.71 28.11 1.12
CA ALA A 231 -27.40 28.72 -0.01
C ALA A 231 -27.13 30.22 -0.01
N ASP A 232 -27.11 30.81 1.18
CA ASP A 232 -26.90 32.25 1.31
C ASP A 232 -25.46 32.69 1.01
N TYR A 233 -24.48 31.87 1.38
CA TYR A 233 -23.07 32.23 1.21
C TYR A 233 -22.38 31.40 0.12
N ASP A 234 -23.16 30.52 -0.50
CA ASP A 234 -22.65 29.68 -1.58
C ASP A 234 -21.39 28.90 -1.17
N VAL A 235 -21.49 28.13 -0.09
CA VAL A 235 -20.44 27.21 0.33
C VAL A 235 -20.99 25.80 0.26
N ARG A 236 -20.15 24.81 0.50
CA ARG A 236 -20.59 23.43 0.36
C ARG A 236 -20.82 22.71 1.69
N LEU A 237 -21.40 21.52 1.58
CA LEU A 237 -21.92 20.76 2.73
C LEU A 237 -21.31 19.37 2.75
N HIS A 238 -20.88 18.91 3.91
CA HIS A 238 -20.18 17.63 3.99
C HIS A 238 -20.59 16.87 5.23
N THR A 239 -20.74 15.56 5.12
CA THR A 239 -20.96 14.73 6.29
C THR A 239 -20.63 13.28 6.00
N HIS A 240 -20.59 12.46 7.06
CA HIS A 240 -20.39 11.03 6.89
C HIS A 240 -21.72 10.41 6.49
N PHE A 241 -21.64 9.26 5.82
CA PHE A 241 -22.81 8.71 5.16
C PHE A 241 -22.74 7.19 5.11
N TYR A 242 -23.76 6.53 5.65
CA TYR A 242 -23.94 5.09 5.57
C TYR A 242 -22.71 4.32 6.02
N GLN A 243 -22.23 4.68 7.21
CA GLN A 243 -21.32 3.83 7.96
C GLN A 243 -22.22 2.71 8.49
N PRO A 244 -21.65 1.52 8.76
CA PRO A 244 -22.52 0.36 9.04
C PRO A 244 -23.53 0.50 10.19
N LEU A 245 -23.26 1.24 11.24
CA LEU A 245 -24.26 1.35 12.31
C LEU A 245 -25.34 2.44 12.09
N ASP A 246 -25.22 3.22 11.02
CA ASP A 246 -26.04 4.40 10.86
C ASP A 246 -27.51 4.10 10.57
N ALA A 247 -27.80 3.16 9.69
CA ALA A 247 -29.18 2.92 9.27
C ALA A 247 -30.04 2.58 10.48
N GLY A 248 -29.52 1.72 11.34
CA GLY A 248 -30.22 1.30 12.53
C GLY A 248 -30.38 2.41 13.55
N MET A 249 -29.34 3.20 13.74
CA MET A 249 -29.38 4.27 14.72
C MET A 249 -30.31 5.39 14.24
N SER A 250 -30.31 5.63 12.93
CA SER A 250 -31.18 6.63 12.32
C SER A 250 -32.65 6.22 12.46
N ASP A 251 -32.89 4.93 12.24
CA ASP A 251 -34.22 4.39 12.36
C ASP A 251 -34.67 4.54 13.80
N HIS A 252 -33.77 4.20 14.71
CA HIS A 252 -34.08 4.31 16.14
C HIS A 252 -34.40 5.76 16.56
N LEU A 253 -33.56 6.70 16.16
CA LEU A 253 -33.75 8.10 16.54
C LEU A 253 -34.90 8.82 15.84
N TYR A 254 -35.17 8.46 14.59
CA TYR A 254 -36.02 9.27 13.72
C TYR A 254 -37.02 8.49 12.87
N GLY A 255 -36.92 7.17 12.87
CA GLY A 255 -37.77 6.34 12.01
C GLY A 255 -37.56 6.58 10.53
N MET A 256 -36.35 6.97 10.16
CA MET A 256 -36.04 7.02 8.74
C MET A 256 -34.60 6.67 8.46
N THR A 257 -34.33 6.40 7.18
CA THR A 257 -32.98 6.11 6.72
C THR A 257 -32.12 7.37 6.75
N PRO A 258 -30.80 7.20 6.76
CA PRO A 258 -29.94 8.39 6.73
C PRO A 258 -30.15 9.31 5.53
N TRP A 259 -30.46 8.72 4.39
CA TRP A 259 -30.72 9.48 3.19
C TRP A 259 -32.02 10.27 3.27
N ARG A 260 -33.04 9.67 3.83
CA ARG A 260 -34.30 10.37 4.01
C ARG A 260 -34.10 11.51 4.96
N PHE A 261 -33.33 11.28 6.01
CA PHE A 261 -32.96 12.35 6.93
C PHE A 261 -32.35 13.52 6.14
N LEU A 262 -31.35 13.24 5.30
CA LEU A 262 -30.70 14.30 4.57
C LEU A 262 -31.71 15.02 3.66
N GLU A 263 -32.56 14.26 2.99
CA GLU A 263 -33.56 14.83 2.10
C GLU A 263 -34.45 15.78 2.86
N LYS A 264 -34.92 15.31 4.00
CA LYS A 264 -35.83 16.08 4.84
C LYS A 264 -35.23 17.37 5.36
N HIS A 265 -33.94 17.37 5.64
CA HIS A 265 -33.31 18.54 6.26
C HIS A 265 -32.42 19.32 5.27
N GLY A 266 -32.71 19.20 3.97
CA GLY A 266 -32.15 20.11 2.98
C GLY A 266 -30.84 19.73 2.30
N TRP A 267 -30.41 18.49 2.49
CA TRP A 267 -29.08 18.05 2.09
C TRP A 267 -29.11 17.14 0.87
N ALA A 268 -30.27 16.97 0.23
CA ALA A 268 -30.33 16.19 -1.00
C ALA A 268 -30.13 17.15 -2.16
N SER A 269 -28.89 17.62 -2.34
CA SER A 269 -28.59 18.68 -3.31
C SER A 269 -27.19 18.58 -3.86
N ASP A 270 -26.91 19.37 -4.90
CA ASP A 270 -25.60 19.34 -5.51
C ASP A 270 -24.59 20.20 -4.75
N ARG A 271 -24.92 20.59 -3.52
CA ARG A 271 -23.98 21.29 -2.65
C ARG A 271 -23.23 20.34 -1.72
N VAL A 272 -23.55 19.05 -1.82
CA VAL A 272 -23.21 18.06 -0.79
C VAL A 272 -22.22 17.02 -1.31
N TRP A 273 -21.19 16.69 -0.51
CA TRP A 273 -20.42 15.51 -0.77
C TRP A 273 -20.36 14.69 0.51
N LEU A 274 -20.37 13.38 0.33
CA LEU A 274 -20.66 12.45 1.40
C LEU A 274 -19.50 11.48 1.58
N ALA A 275 -19.03 11.35 2.81
CA ALA A 275 -17.91 10.47 3.15
C ALA A 275 -18.27 8.98 3.43
N HIS A 276 -17.51 8.07 2.81
CA HIS A 276 -17.60 6.62 2.96
C HIS A 276 -18.71 6.01 2.08
N ALA A 277 -19.96 6.22 2.43
CA ALA A 277 -21.09 5.63 1.70
C ALA A 277 -20.90 4.13 1.53
N VAL A 278 -20.65 3.43 2.63
CA VAL A 278 -20.23 2.03 2.54
C VAL A 278 -21.40 1.10 2.24
N VAL A 279 -22.54 1.36 2.89
CA VAL A 279 -23.66 0.41 2.89
C VAL A 279 -25.03 1.04 2.75
N PRO A 280 -25.22 1.89 1.73
CA PRO A 280 -26.57 2.36 1.42
C PRO A 280 -27.47 1.24 0.91
N PRO A 281 -28.78 1.37 1.12
CA PRO A 281 -29.72 0.50 0.40
C PRO A 281 -29.58 0.75 -1.08
N ARG A 282 -29.53 -0.29 -1.88
CA ARG A 282 -29.29 -0.15 -3.31
C ARG A 282 -30.33 0.69 -4.00
N GLU A 283 -31.56 0.63 -3.52
CA GLU A 283 -32.66 1.37 -4.13
C GLU A 283 -32.47 2.88 -4.05
N GLU A 284 -31.69 3.36 -3.07
CA GLU A 284 -31.52 4.80 -2.91
C GLU A 284 -30.45 5.41 -3.81
N ILE A 285 -29.61 4.58 -4.40
CA ILE A 285 -28.50 5.08 -5.22
C ILE A 285 -28.95 5.94 -6.41
N PRO A 286 -30.02 5.54 -7.13
CA PRO A 286 -30.52 6.40 -8.20
C PRO A 286 -30.96 7.76 -7.68
N GLU A 287 -31.42 7.77 -6.44
CA GLU A 287 -31.84 9.01 -5.79
C GLU A 287 -30.63 9.91 -5.48
N PHE A 288 -29.50 9.29 -5.10
CA PHE A 288 -28.26 10.03 -4.86
C PHE A 288 -27.90 10.76 -6.15
N ALA A 289 -27.90 10.02 -7.24
CA ALA A 289 -27.58 10.54 -8.58
C ALA A 289 -28.51 11.67 -8.97
N ASP A 290 -29.81 11.46 -8.83
CA ASP A 290 -30.79 12.48 -9.24
C ASP A 290 -30.63 13.76 -8.42
N ALA A 291 -30.21 13.61 -7.17
CA ALA A 291 -30.02 14.74 -6.28
C ALA A 291 -28.72 15.49 -6.59
N GLY A 292 -27.76 14.78 -7.19
CA GLY A 292 -26.49 15.40 -7.54
C GLY A 292 -25.50 15.48 -6.39
N VAL A 293 -25.66 14.61 -5.39
CA VAL A 293 -24.71 14.54 -4.28
C VAL A 293 -23.46 13.85 -4.79
N ALA A 294 -22.32 14.13 -4.17
CA ALA A 294 -21.06 13.48 -4.52
C ALA A 294 -20.64 12.57 -3.39
N ILE A 295 -19.82 11.56 -3.68
CA ILE A 295 -19.35 10.60 -2.67
C ILE A 295 -17.81 10.54 -2.69
N ALA A 296 -17.19 10.60 -1.52
CA ALA A 296 -15.75 10.41 -1.39
C ALA A 296 -15.49 8.97 -0.92
N HIS A 297 -14.84 8.18 -1.77
CA HIS A 297 -14.43 6.84 -1.39
C HIS A 297 -13.22 6.91 -0.44
N LEU A 298 -13.31 6.19 0.67
CA LEU A 298 -12.28 6.18 1.72
C LEU A 298 -11.88 4.74 2.05
N ILE A 299 -11.18 4.07 1.14
CA ILE A 299 -10.95 2.63 1.28
C ILE A 299 -10.23 2.25 2.57
N ALA A 300 -9.29 3.09 3.03
CA ALA A 300 -8.39 2.66 4.10
C ALA A 300 -9.16 2.52 5.40
N PRO A 301 -9.94 3.54 5.82
CA PRO A 301 -10.70 3.28 7.05
C PRO A 301 -11.82 2.23 6.87
N ASP A 302 -12.45 2.19 5.69
CA ASP A 302 -13.50 1.21 5.46
C ASP A 302 -12.97 -0.20 5.71
N LEU A 303 -11.72 -0.45 5.33
CA LEU A 303 -11.07 -1.71 5.63
C LEU A 303 -10.62 -1.80 7.07
N ARG A 304 -9.93 -0.77 7.55
CA ARG A 304 -9.31 -0.80 8.87
C ARG A 304 -10.32 -1.04 9.95
N LEU A 305 -11.53 -0.51 9.77
CA LEU A 305 -12.57 -0.64 10.78
C LEU A 305 -13.45 -1.86 10.52
N GLY A 306 -13.15 -2.59 9.45
CA GLY A 306 -13.85 -3.84 9.17
C GLY A 306 -15.20 -3.65 8.48
N TRP A 307 -15.47 -2.44 8.03
CA TRP A 307 -16.72 -2.09 7.38
C TRP A 307 -16.93 -2.75 6.02
N GLY A 308 -15.84 -2.88 5.25
CA GLY A 308 -15.87 -3.51 3.94
C GLY A 308 -15.88 -2.58 2.75
N LEU A 309 -16.48 -3.05 1.66
CA LEU A 309 -16.33 -2.43 0.34
C LEU A 309 -17.54 -1.62 -0.10
N ALA A 310 -17.38 -0.30 -0.12
CA ALA A 310 -18.39 0.56 -0.72
C ALA A 310 -18.66 0.22 -2.19
N PRO A 311 -19.93 0.35 -2.61
CA PRO A 311 -20.35 -0.05 -3.96
C PRO A 311 -19.98 1.00 -4.99
N ILE A 312 -18.67 1.20 -5.15
CA ILE A 312 -18.19 2.26 -6.01
C ILE A 312 -18.57 2.07 -7.45
N ARG A 313 -18.54 0.83 -7.93
CA ARG A 313 -18.85 0.60 -9.33
C ARG A 313 -20.27 1.04 -9.60
N GLU A 314 -21.13 0.76 -8.62
N GLU A 314 -21.15 0.78 -8.64
CA GLU A 314 -22.55 1.06 -8.75
CA GLU A 314 -22.55 1.08 -8.84
C GLU A 314 -22.75 2.57 -8.82
C GLU A 314 -22.77 2.59 -8.81
N TYR A 315 -21.97 3.30 -8.01
CA TYR A 315 -22.00 4.76 -8.03
C TYR A 315 -21.56 5.28 -9.39
N LEU A 316 -20.44 4.76 -9.91
CA LEU A 316 -20.00 5.19 -11.23
C LEU A 316 -21.06 4.87 -12.29
N ASP A 317 -21.63 3.66 -12.26
CA ASP A 317 -22.67 3.28 -13.21
C ASP A 317 -23.84 4.29 -13.18
N ALA A 318 -24.14 4.83 -12.00
CA ALA A 318 -25.26 5.75 -11.78
C ALA A 318 -24.95 7.20 -12.08
N GLY A 319 -23.72 7.48 -12.51
CA GLY A 319 -23.32 8.82 -12.86
C GLY A 319 -23.02 9.70 -11.68
N ILE A 320 -22.93 9.10 -10.49
CA ILE A 320 -22.60 9.84 -9.27
C ILE A 320 -21.12 10.23 -9.23
N THR A 321 -20.82 11.47 -8.83
CA THR A 321 -19.42 11.88 -8.69
C THR A 321 -18.75 11.10 -7.55
N VAL A 322 -17.65 10.39 -7.87
CA VAL A 322 -16.84 9.71 -6.85
C VAL A 322 -15.44 10.30 -6.71
N GLY A 323 -15.14 10.74 -5.50
CA GLY A 323 -13.82 11.27 -5.17
C GLY A 323 -13.10 10.28 -4.28
N PHE A 324 -12.00 10.71 -3.67
CA PHE A 324 -11.16 9.82 -2.87
C PHE A 324 -10.55 10.58 -1.72
N GLY A 325 -10.29 9.89 -0.61
CA GLY A 325 -9.68 10.51 0.55
C GLY A 325 -9.06 9.46 1.45
N THR A 326 -8.36 9.91 2.49
CA THR A 326 -7.67 9.02 3.42
C THR A 326 -8.37 8.88 4.79
N THR A 327 -9.27 9.81 5.08
CA THR A 327 -9.68 10.21 6.44
C THR A 327 -8.47 10.48 7.30
N GLY A 328 -8.69 10.57 8.61
CA GLY A 328 -7.63 10.94 9.53
C GLY A 328 -6.69 9.82 9.89
N SER A 329 -5.52 10.21 10.40
CA SER A 329 -4.48 9.25 10.66
C SER A 329 -4.71 8.42 11.95
N ALA A 330 -5.85 8.58 12.60
CA ALA A 330 -6.21 7.62 13.66
C ALA A 330 -6.93 6.40 13.06
N SER A 331 -7.33 6.49 11.78
CA SER A 331 -7.97 5.36 11.10
C SER A 331 -7.43 5.25 9.69
N ASN A 332 -6.12 5.11 9.57
CA ASN A 332 -5.54 4.90 8.27
C ASN A 332 -4.25 4.06 8.24
N ASP A 333 -3.13 4.46 8.86
CA ASP A 333 -2.96 5.61 9.74
C ASP A 333 -2.00 6.63 9.13
N GLY A 334 -2.00 6.74 7.81
CA GLY A 334 -1.19 7.74 7.14
C GLY A 334 -2.06 8.66 6.32
N GLY A 335 -1.42 9.60 5.62
CA GLY A 335 -2.10 10.52 4.73
C GLY A 335 -1.68 10.29 3.29
N ASN A 336 -1.36 9.03 3.00
CA ASN A 336 -0.80 8.64 1.72
C ASN A 336 -1.91 8.26 0.80
N LEU A 337 -2.45 9.24 0.11
N LEU A 337 -2.43 9.25 0.10
CA LEU A 337 -3.58 9.03 -0.77
CA LEU A 337 -3.56 9.06 -0.80
C LEU A 337 -3.23 8.10 -1.94
C LEU A 337 -3.23 8.12 -1.95
N LEU A 338 -2.10 8.36 -2.58
CA LEU A 338 -1.71 7.55 -3.73
C LEU A 338 -1.59 6.09 -3.32
N GLY A 339 -0.94 5.82 -2.19
CA GLY A 339 -0.80 4.44 -1.73
C GLY A 339 -2.15 3.77 -1.45
N ASP A 340 -3.07 4.53 -0.88
CA ASP A 340 -4.39 4.01 -0.62
C ASP A 340 -5.14 3.61 -1.89
N LEU A 341 -4.80 4.23 -3.01
CA LEU A 341 -5.43 3.84 -4.28
C LEU A 341 -5.11 2.39 -4.63
N ARG A 342 -3.89 1.94 -4.33
CA ARG A 342 -3.54 0.53 -4.52
C ARG A 342 -4.42 -0.39 -3.69
N LEU A 343 -4.73 0.03 -2.47
CA LEU A 343 -5.59 -0.75 -1.61
C LEU A 343 -6.93 -0.96 -2.25
N ALA A 344 -7.44 0.10 -2.87
CA ALA A 344 -8.75 0.02 -3.53
C ALA A 344 -8.69 -0.82 -4.80
N ALA A 345 -7.65 -0.62 -5.58
CA ALA A 345 -7.45 -1.37 -6.81
C ALA A 345 -7.56 -2.85 -6.56
N LEU A 346 -6.93 -3.29 -5.48
CA LEU A 346 -6.91 -4.70 -5.16
C LEU A 346 -8.07 -5.19 -4.29
N ALA A 347 -8.42 -4.47 -3.23
CA ALA A 347 -9.41 -4.99 -2.28
C ALA A 347 -10.81 -5.17 -2.89
N HIS A 348 -11.17 -4.36 -3.89
CA HIS A 348 -12.48 -4.50 -4.48
C HIS A 348 -12.68 -5.78 -5.29
N ARG A 349 -11.60 -6.41 -5.74
CA ARG A 349 -11.77 -7.41 -6.80
C ARG A 349 -12.46 -8.73 -6.36
N PRO A 350 -12.15 -9.25 -5.15
CA PRO A 350 -12.78 -10.47 -4.65
C PRO A 350 -14.30 -10.41 -4.51
N ALA A 351 -14.89 -9.22 -4.52
CA ALA A 351 -16.34 -9.08 -4.43
C ALA A 351 -17.03 -9.46 -5.75
N ASP A 352 -16.27 -9.42 -6.85
CA ASP A 352 -16.79 -9.69 -8.18
C ASP A 352 -15.79 -10.60 -8.89
N PRO A 353 -15.58 -11.79 -8.34
CA PRO A 353 -14.48 -12.68 -8.76
C PRO A 353 -14.56 -13.09 -10.22
N ASN A 354 -15.75 -13.13 -10.80
CA ASN A 354 -15.88 -13.52 -12.20
C ASN A 354 -16.26 -12.41 -13.17
N GLU A 355 -16.27 -11.16 -12.71
CA GLU A 355 -16.59 -10.04 -13.58
C GLU A 355 -15.55 -8.93 -13.47
N PRO A 356 -14.36 -9.16 -14.04
CA PRO A 356 -13.27 -8.22 -13.86
C PRO A 356 -13.51 -6.86 -14.47
N GLU A 357 -14.47 -6.76 -15.39
CA GLU A 357 -14.80 -5.47 -15.95
C GLU A 357 -15.46 -4.57 -14.91
N LYS A 358 -15.89 -5.14 -13.79
CA LYS A 358 -16.49 -4.35 -12.70
C LYS A 358 -15.43 -3.76 -11.78
N TRP A 359 -14.27 -4.41 -11.72
CA TRP A 359 -13.16 -3.94 -10.87
C TRP A 359 -12.77 -2.53 -11.26
N LEU A 360 -12.36 -1.73 -10.29
CA LEU A 360 -11.94 -0.37 -10.58
C LEU A 360 -10.57 -0.43 -11.24
N SER A 361 -10.42 0.31 -12.32
CA SER A 361 -9.13 0.37 -12.98
C SER A 361 -8.21 1.41 -12.36
N ALA A 362 -6.94 1.34 -12.71
CA ALA A 362 -6.00 2.35 -12.26
C ALA A 362 -6.40 3.76 -12.69
N ARG A 363 -6.86 3.93 -13.91
CA ARG A 363 -7.24 5.25 -14.39
C ARG A 363 -8.50 5.77 -13.71
N GLU A 364 -9.41 4.87 -13.37
CA GLU A 364 -10.62 5.31 -12.68
C GLU A 364 -10.29 5.80 -11.26
N LEU A 365 -9.36 5.10 -10.62
CA LEU A 365 -8.90 5.46 -9.30
C LEU A 365 -8.14 6.77 -9.33
N LEU A 366 -7.23 6.94 -10.29
CA LEU A 366 -6.52 8.21 -10.40
C LEU A 366 -7.49 9.36 -10.69
N ARG A 367 -8.54 9.08 -11.45
N ARG A 367 -8.54 9.08 -11.44
CA ARG A 367 -9.55 10.10 -11.72
CA ARG A 367 -9.55 10.10 -11.72
C ARG A 367 -10.27 10.48 -10.43
C ARG A 367 -10.34 10.46 -10.47
N MET A 368 -10.61 9.48 -9.61
CA MET A 368 -11.30 9.74 -8.33
C MET A 368 -10.44 10.64 -7.45
N ALA A 369 -9.13 10.38 -7.47
CA ALA A 369 -8.18 11.10 -6.63
C ALA A 369 -7.85 12.51 -7.11
N THR A 370 -8.29 12.85 -8.32
CA THR A 370 -8.03 14.19 -8.91
C THR A 370 -9.35 14.88 -9.24
N ARG A 371 -9.86 14.62 -10.44
CA ARG A 371 -11.09 15.27 -10.92
C ARG A 371 -12.29 14.96 -10.03
N GLY A 372 -12.42 13.71 -9.62
CA GLY A 372 -13.51 13.31 -8.73
C GLY A 372 -13.54 14.06 -7.43
N SER A 373 -12.39 14.11 -6.77
CA SER A 373 -12.27 14.86 -5.53
C SER A 373 -12.52 16.33 -5.76
N ALA A 374 -12.03 16.87 -6.88
CA ALA A 374 -12.23 18.28 -7.21
C ALA A 374 -13.74 18.58 -7.28
N GLU A 375 -14.47 17.69 -7.93
CA GLU A 375 -15.92 17.83 -8.07
C GLU A 375 -16.64 17.63 -6.73
N CYS A 376 -16.13 16.76 -5.88
CA CYS A 376 -16.67 16.66 -4.52
C CYS A 376 -16.59 18.02 -3.84
N LEU A 377 -15.46 18.70 -4.00
CA LEU A 377 -15.22 19.95 -3.31
C LEU A 377 -15.80 21.13 -4.10
N GLY A 378 -16.44 20.84 -5.22
CA GLY A 378 -17.06 21.87 -6.05
C GLY A 378 -16.04 22.79 -6.67
N ARG A 379 -14.96 22.21 -7.18
CA ARG A 379 -13.85 22.97 -7.73
C ARG A 379 -13.67 22.67 -9.22
N PRO A 380 -14.40 23.38 -10.08
CA PRO A 380 -14.21 23.19 -11.53
C PRO A 380 -12.84 23.71 -12.00
N ASP A 381 -12.12 24.42 -11.14
CA ASP A 381 -10.79 24.96 -11.47
C ASP A 381 -9.64 24.02 -11.10
N LEU A 382 -9.95 22.83 -10.58
CA LEU A 382 -8.92 21.87 -10.21
C LEU A 382 -9.11 20.51 -10.88
N GLY A 383 -8.13 19.62 -10.69
CA GLY A 383 -8.30 18.19 -10.96
C GLY A 383 -8.07 17.77 -12.40
N VAL A 384 -7.69 18.73 -13.24
CA VAL A 384 -7.61 18.55 -14.69
C VAL A 384 -6.44 19.34 -15.29
N LEU A 385 -5.59 18.66 -16.05
CA LEU A 385 -4.51 19.36 -16.74
C LEU A 385 -4.99 19.87 -18.08
N GLU A 386 -5.52 21.09 -18.07
CA GLU A 386 -5.93 21.74 -19.30
C GLU A 386 -5.86 23.25 -19.15
N GLU A 387 -5.71 23.92 -20.30
CA GLU A 387 -5.74 25.37 -20.34
C GLU A 387 -6.89 25.94 -19.51
N GLY A 388 -6.57 26.91 -18.66
CA GLY A 388 -7.57 27.60 -17.87
C GLY A 388 -7.76 27.10 -16.45
N ARG A 389 -7.31 25.88 -16.17
CA ARG A 389 -7.43 25.32 -14.82
C ARG A 389 -6.23 25.74 -13.97
N ALA A 390 -6.26 25.42 -12.69
CA ALA A 390 -5.20 25.80 -11.77
C ALA A 390 -3.94 25.02 -12.06
N ALA A 391 -2.81 25.70 -11.93
CA ALA A 391 -1.53 25.03 -12.06
C ALA A 391 -1.22 24.26 -10.76
N ASP A 392 -2.04 23.22 -10.53
CA ASP A 392 -1.81 22.25 -9.46
C ASP A 392 -1.37 20.95 -10.14
N ILE A 393 -0.11 20.58 -9.96
CA ILE A 393 0.48 19.50 -10.75
C ILE A 393 1.32 18.62 -9.87
N ALA A 394 1.15 17.31 -10.03
CA ALA A 394 1.98 16.34 -9.29
C ALA A 394 2.63 15.37 -10.25
N CYS A 395 3.94 15.22 -10.11
CA CYS A 395 4.72 14.37 -11.00
C CYS A 395 5.59 13.39 -10.23
N TRP A 396 5.69 12.17 -10.76
CA TRP A 396 6.51 11.09 -10.20
C TRP A 396 7.53 10.61 -11.23
N ARG A 397 8.70 10.19 -10.77
CA ARG A 397 9.71 9.59 -11.67
C ARG A 397 9.33 8.18 -12.06
N LEU A 398 9.67 7.79 -13.29
CA LEU A 398 9.33 6.47 -13.80
C LEU A 398 10.58 5.62 -13.99
N ASP A 399 11.75 6.21 -13.75
CA ASP A 399 13.02 5.57 -14.04
C ASP A 399 13.69 4.97 -12.79
N GLY A 400 12.94 4.73 -11.72
CA GLY A 400 13.48 3.99 -10.59
C GLY A 400 13.63 2.50 -10.89
N VAL A 401 14.52 1.83 -10.18
CA VAL A 401 14.72 0.41 -10.41
C VAL A 401 13.47 -0.39 -10.07
N ASP A 402 12.66 0.10 -9.13
CA ASP A 402 11.41 -0.57 -8.77
C ASP A 402 10.26 -0.38 -9.78
N ARG A 403 10.48 0.37 -10.85
CA ARG A 403 9.46 0.55 -11.90
C ARG A 403 9.97 0.09 -13.27
N VAL A 404 11.07 -0.64 -13.25
CA VAL A 404 11.58 -1.23 -14.48
C VAL A 404 10.58 -2.28 -14.92
N GLY A 405 10.40 -2.40 -16.23
CA GLY A 405 9.52 -3.39 -16.79
C GLY A 405 8.04 -3.02 -16.81
N VAL A 406 7.73 -1.80 -16.39
CA VAL A 406 6.39 -1.28 -16.45
C VAL A 406 6.00 -0.91 -17.89
N HIS A 407 4.85 -1.39 -18.35
CA HIS A 407 4.39 -1.13 -19.71
C HIS A 407 3.45 0.06 -19.84
N ASP A 408 2.68 0.34 -18.80
CA ASP A 408 1.78 1.49 -18.79
C ASP A 408 2.07 2.28 -17.52
N PRO A 409 2.62 3.51 -17.66
CA PRO A 409 3.07 4.26 -16.48
C PRO A 409 1.94 4.62 -15.52
N ALA A 410 0.72 4.81 -16.00
CA ALA A 410 -0.38 5.14 -15.10
C ALA A 410 -0.77 3.94 -14.25
N ILE A 411 -0.88 2.78 -14.87
CA ILE A 411 -1.16 1.57 -14.12
C ILE A 411 0.02 1.35 -13.17
N GLY A 412 1.22 1.56 -13.67
CA GLY A 412 2.42 1.41 -12.87
C GLY A 412 2.45 2.22 -11.59
N LEU A 413 1.88 3.43 -11.61
CA LEU A 413 1.83 4.27 -10.41
C LEU A 413 1.01 3.63 -9.28
N ILE A 414 0.06 2.77 -9.66
CA ILE A 414 -0.78 2.05 -8.71
C ILE A 414 -0.21 0.68 -8.36
N MET A 415 0.38 0.00 -9.35
CA MET A 415 0.62 -1.42 -9.20
C MET A 415 2.06 -1.76 -8.86
N THR A 416 2.95 -0.76 -8.88
CA THR A 416 4.38 -0.99 -8.60
C THR A 416 4.92 0.05 -7.64
N GLY A 417 6.11 -0.22 -7.12
CA GLY A 417 6.88 0.81 -6.45
C GLY A 417 7.19 0.54 -5.00
N LEU A 418 8.36 1.02 -4.58
CA LEU A 418 8.72 1.04 -3.17
C LEU A 418 8.32 2.33 -2.48
N SER A 419 8.01 3.36 -3.26
CA SER A 419 7.76 4.68 -2.70
C SER A 419 6.69 5.42 -3.48
N ASP A 420 5.84 6.12 -2.75
CA ASP A 420 4.81 6.98 -3.35
C ASP A 420 5.22 8.45 -3.35
N ARG A 421 6.48 8.72 -2.99
CA ARG A 421 6.97 10.10 -2.93
C ARG A 421 6.93 10.71 -4.31
N ALA A 422 6.28 11.86 -4.42
CA ALA A 422 6.28 12.62 -5.65
C ALA A 422 7.64 13.27 -5.90
N SER A 423 7.94 13.53 -7.16
CA SER A 423 9.21 14.16 -7.51
C SER A 423 9.07 15.66 -7.56
N LEU A 424 8.03 16.11 -8.26
CA LEU A 424 7.79 17.52 -8.55
C LEU A 424 6.33 17.84 -8.25
N VAL A 425 6.11 18.85 -7.42
CA VAL A 425 4.76 19.26 -7.07
C VAL A 425 4.60 20.76 -7.11
N VAL A 426 3.59 21.18 -7.85
CA VAL A 426 3.26 22.58 -8.07
C VAL A 426 1.86 22.85 -7.53
N VAL A 427 1.72 23.90 -6.73
CA VAL A 427 0.40 24.33 -6.23
C VAL A 427 0.19 25.80 -6.52
N ASN A 428 -0.85 26.08 -7.29
CA ASN A 428 -1.17 27.45 -7.62
C ASN A 428 -0.02 28.09 -8.39
N GLY A 429 0.64 27.27 -9.20
CA GLY A 429 1.76 27.75 -9.99
C GLY A 429 3.06 27.85 -9.25
N GLN A 430 3.05 27.59 -7.94
CA GLN A 430 4.27 27.64 -7.15
C GLN A 430 4.89 26.28 -6.97
N VAL A 431 6.19 26.19 -7.24
CA VAL A 431 6.88 24.91 -7.11
C VAL A 431 7.17 24.66 -5.64
N LEU A 432 6.59 23.61 -5.06
CA LEU A 432 6.76 23.37 -3.63
C LEU A 432 7.57 22.14 -3.27
N VAL A 433 7.66 21.19 -4.21
CA VAL A 433 8.48 20.01 -4.07
C VAL A 433 9.26 19.81 -5.37
N GLU A 434 10.53 19.49 -5.21
CA GLU A 434 11.41 19.18 -6.32
C GLU A 434 12.46 18.21 -5.81
N ASN A 435 12.82 17.22 -6.62
CA ASN A 435 13.69 16.15 -6.20
C ASN A 435 13.25 15.51 -4.90
N GLU A 436 11.95 15.33 -4.78
CA GLU A 436 11.34 14.69 -3.63
C GLU A 436 11.59 15.47 -2.36
N ARG A 437 11.91 16.75 -2.48
CA ARG A 437 12.21 17.59 -1.33
C ARG A 437 11.40 18.89 -1.38
N PRO A 438 10.92 19.34 -0.22
CA PRO A 438 10.24 20.64 -0.16
C PRO A 438 11.19 21.74 -0.58
N VAL A 439 10.74 22.72 -1.37
CA VAL A 439 11.64 23.75 -1.81
C VAL A 439 11.58 24.98 -0.88
N LEU A 440 10.50 25.17 -0.14
CA LEU A 440 10.37 26.35 0.72
C LEU A 440 10.30 25.95 2.19
N ALA A 441 9.68 24.82 2.49
CA ALA A 441 9.58 24.36 3.87
C ALA A 441 10.89 23.66 4.33
N ASP A 442 11.16 23.79 5.63
CA ASP A 442 12.30 23.15 6.28
C ASP A 442 11.81 21.82 6.82
N LEU A 443 11.91 20.79 5.99
CA LEU A 443 11.43 19.47 6.34
C LEU A 443 11.90 19.00 7.71
N GLU A 444 13.22 18.97 7.92
CA GLU A 444 13.76 18.41 9.16
C GLU A 444 13.35 19.23 10.37
N ARG A 445 13.33 20.54 10.23
CA ARG A 445 12.95 21.41 11.32
C ARG A 445 11.47 21.22 11.67
N ILE A 446 10.61 21.06 10.66
CA ILE A 446 9.19 20.79 10.91
C ILE A 446 9.03 19.46 11.64
N VAL A 447 9.79 18.45 11.25
CA VAL A 447 9.67 17.15 11.92
C VAL A 447 10.04 17.27 13.39
N ALA A 448 11.16 17.93 13.65
CA ALA A 448 11.64 18.07 15.01
C ALA A 448 10.63 18.79 15.90
N ASN A 449 10.12 19.91 15.41
CA ASN A 449 9.22 20.75 16.19
C ASN A 449 7.89 20.08 16.47
N THR A 450 7.32 19.41 15.47
CA THR A 450 6.03 18.76 15.67
C THR A 450 6.23 17.55 16.55
N THR A 451 7.31 16.81 16.33
CA THR A 451 7.54 15.60 17.13
C THR A 451 7.57 15.93 18.62
N ALA A 452 8.18 17.06 18.94
CA ALA A 452 8.32 17.48 20.34
C ALA A 452 6.98 17.77 21.00
N LEU A 453 5.98 18.05 20.18
CA LEU A 453 4.66 18.44 20.66
C LEU A 453 3.65 17.30 20.72
N ILE A 454 4.00 16.15 20.17
CA ILE A 454 3.09 15.01 20.17
C ILE A 454 2.90 14.56 21.60
N PRO A 455 1.65 14.41 22.06
CA PRO A 455 1.51 14.00 23.46
C PRO A 455 2.10 12.61 23.72
N LYS A 456 2.85 12.45 24.81
CA LYS A 456 3.47 11.17 25.16
C LYS A 456 2.82 10.57 26.40
N ARG B 2 37.43 -6.82 13.24
CA ARG B 2 36.68 -6.95 11.96
C ARG B 2 35.16 -6.85 12.15
N MET B 3 34.73 -6.58 13.38
CA MET B 3 33.31 -6.58 13.67
C MET B 3 32.61 -5.28 13.21
N ILE B 4 31.31 -5.37 12.98
CA ILE B 4 30.48 -4.20 12.68
C ILE B 4 29.49 -4.06 13.82
N LEU B 5 29.41 -2.83 14.32
CA LEU B 5 28.48 -2.49 15.40
C LEU B 5 27.45 -1.50 14.89
N ILE B 6 26.19 -1.89 14.98
CA ILE B 6 25.08 -0.98 14.76
C ILE B 6 24.63 -0.45 16.10
N ARG B 7 24.92 0.83 16.36
CA ARG B 7 24.72 1.39 17.68
C ARG B 7 23.54 2.33 17.81
N GLY B 8 22.77 2.10 18.88
CA GLY B 8 21.78 3.07 19.31
C GLY B 8 20.51 3.05 18.47
N LEU B 9 20.17 1.89 17.93
CA LEU B 9 18.88 1.71 17.25
C LEU B 9 17.74 2.10 18.17
N THR B 10 16.79 2.86 17.65
CA THR B 10 15.68 3.30 18.45
C THR B 10 14.81 2.13 18.90
N ARG B 11 14.59 1.20 17.99
CA ARG B 11 13.79 0.00 18.28
C ARG B 11 14.38 -1.18 17.54
N VAL B 12 14.37 -2.33 18.20
CA VAL B 12 14.81 -3.60 17.64
C VAL B 12 13.74 -4.64 17.90
N ILE B 13 13.25 -5.26 16.83
CA ILE B 13 12.24 -6.28 16.93
C ILE B 13 12.96 -7.61 16.67
N THR B 14 13.10 -8.50 17.66
CA THR B 14 13.99 -9.65 17.45
C THR B 14 13.31 -10.86 16.84
N PHE B 15 12.01 -10.99 17.08
CA PHE B 15 11.26 -12.23 16.83
C PHE B 15 11.95 -13.49 17.36
N ASP B 16 12.77 -13.33 18.40
CA ASP B 16 13.26 -14.48 19.16
C ASP B 16 12.12 -15.21 19.89
N ASP B 17 12.50 -16.23 20.66
CA ASP B 17 11.55 -17.13 21.32
C ASP B 17 10.71 -16.41 22.39
N GLN B 18 11.20 -15.29 22.93
CA GLN B 18 10.45 -14.47 23.89
C GLN B 18 9.74 -13.29 23.21
N GLU B 19 9.88 -13.17 21.89
CA GLU B 19 9.38 -12.00 21.16
C GLU B 19 9.92 -10.73 21.77
N ARG B 20 11.17 -10.78 22.23
CA ARG B 20 11.83 -9.61 22.79
C ARG B 20 11.91 -8.45 21.82
N GLU B 21 11.76 -7.24 22.34
CA GLU B 21 12.10 -6.03 21.63
C GLU B 21 13.03 -5.21 22.55
N LEU B 22 13.76 -4.28 21.97
CA LEU B 22 14.72 -3.46 22.68
C LEU B 22 14.60 -2.03 22.17
N GLU B 23 14.82 -1.07 23.07
CA GLU B 23 14.86 0.36 22.76
C GLU B 23 16.30 0.83 22.97
N ASP B 24 16.76 1.74 22.11
CA ASP B 24 18.11 2.28 22.22
C ASP B 24 19.17 1.20 22.47
N ALA B 25 19.24 0.27 21.54
CA ALA B 25 20.06 -0.92 21.70
C ALA B 25 20.87 -1.13 20.44
N ASP B 26 21.77 -2.10 20.51
CA ASP B 26 22.78 -2.29 19.49
C ASP B 26 22.70 -3.71 18.94
N ILE B 27 23.32 -3.89 17.78
CA ILE B 27 23.52 -5.20 17.18
C ILE B 27 24.97 -5.31 16.80
N LEU B 28 25.62 -6.39 17.22
CA LEU B 28 27.03 -6.61 16.95
C LEU B 28 27.19 -7.78 16.00
N ILE B 29 27.96 -7.56 14.95
CA ILE B 29 28.12 -8.52 13.85
C ILE B 29 29.58 -8.92 13.65
N ASP B 30 29.81 -10.20 13.39
CA ASP B 30 31.14 -10.71 13.10
C ASP B 30 31.08 -11.66 11.90
N GLY B 31 31.60 -11.19 10.78
CA GLY B 31 31.48 -11.92 9.53
C GLY B 31 30.00 -12.15 9.22
N PRO B 32 29.62 -13.39 8.93
CA PRO B 32 28.23 -13.62 8.54
C PRO B 32 27.24 -13.75 9.69
N LYS B 33 27.70 -13.68 10.94
CA LYS B 33 26.83 -14.00 12.06
C LYS B 33 26.66 -12.83 13.03
N ILE B 34 25.50 -12.81 13.68
CA ILE B 34 25.23 -11.87 14.75
C ILE B 34 25.93 -12.37 16.02
N VAL B 35 26.71 -11.50 16.65
CA VAL B 35 27.39 -11.79 17.92
C VAL B 35 26.51 -11.53 19.15
N ALA B 36 25.89 -10.36 19.18
CA ALA B 36 25.09 -9.93 20.32
C ALA B 36 23.99 -8.97 19.88
N VAL B 37 22.92 -8.96 20.66
CA VAL B 37 21.87 -7.97 20.56
C VAL B 37 21.57 -7.49 21.97
N GLY B 38 21.82 -6.20 22.23
CA GLY B 38 21.56 -5.65 23.56
C GLY B 38 22.06 -4.23 23.74
N LYS B 39 21.82 -3.70 24.93
CA LYS B 39 22.24 -2.36 25.28
C LYS B 39 23.75 -2.22 25.46
N ASN B 40 24.27 -1.09 25.00
CA ASN B 40 25.66 -0.68 25.19
C ASN B 40 26.72 -1.78 24.93
N LEU B 41 26.68 -2.35 23.73
CA LEU B 41 27.66 -3.36 23.35
C LEU B 41 29.03 -2.73 23.08
N SER B 42 30.09 -3.46 23.41
CA SER B 42 31.43 -2.88 23.36
C SER B 42 31.95 -2.87 21.94
N ASP B 43 32.70 -1.81 21.61
CA ASP B 43 33.33 -1.70 20.30
C ASP B 43 34.80 -2.19 20.33
N ARG B 44 35.07 -3.20 21.17
CA ARG B 44 36.41 -3.79 21.28
C ARG B 44 37.12 -4.20 20.00
N SER B 45 36.49 -5.10 19.25
CA SER B 45 37.09 -5.67 18.05
C SER B 45 36.40 -5.06 16.84
N VAL B 46 35.76 -3.92 17.04
CA VAL B 46 34.91 -3.32 16.02
C VAL B 46 35.70 -2.44 15.08
N SER B 47 35.62 -2.74 13.79
CA SER B 47 36.27 -1.93 12.76
C SER B 47 35.36 -0.80 12.30
N ARG B 48 34.06 -0.95 12.50
CA ARG B 48 33.11 0.07 12.05
C ARG B 48 31.86 0.09 12.91
N THR B 49 31.43 1.32 13.22
CA THR B 49 30.25 1.55 14.03
C THR B 49 29.24 2.36 13.20
N ILE B 50 28.05 1.80 13.03
CA ILE B 50 26.98 2.45 12.26
C ILE B 50 25.98 3.10 13.21
N ASP B 51 25.64 4.37 12.92
CA ASP B 51 24.70 5.11 13.72
C ASP B 51 23.27 4.66 13.40
N GLY B 52 22.67 3.94 14.34
CA GLY B 52 21.32 3.43 14.17
C GLY B 52 20.25 4.30 14.79
N ARG B 53 20.63 5.47 15.32
CA ARG B 53 19.67 6.32 16.00
C ARG B 53 18.56 6.73 15.03
N GLY B 54 17.32 6.66 15.48
CA GLY B 54 16.17 7.02 14.66
C GLY B 54 15.69 5.91 13.74
N MET B 55 16.19 4.70 13.95
CA MET B 55 15.84 3.54 13.11
C MET B 55 15.21 2.41 13.89
N ILE B 56 14.39 1.62 13.19
CA ILE B 56 13.90 0.36 13.73
C ILE B 56 14.58 -0.77 12.94
N ALA B 57 15.12 -1.76 13.66
CA ALA B 57 15.78 -2.90 13.07
C ALA B 57 14.89 -4.13 13.19
N LEU B 58 14.79 -4.86 12.09
CA LEU B 58 14.13 -6.15 12.01
C LEU B 58 15.11 -7.17 11.45
N PRO B 59 14.81 -8.47 11.61
CA PRO B 59 15.42 -9.43 10.69
C PRO B 59 15.17 -9.03 9.28
N GLY B 60 16.10 -9.35 8.40
CA GLY B 60 15.89 -9.08 7.00
C GLY B 60 14.60 -9.73 6.55
N LEU B 61 13.84 -9.01 5.73
CA LEU B 61 12.62 -9.60 5.19
C LEU B 61 12.99 -10.75 4.24
N ILE B 62 12.13 -11.77 4.24
CA ILE B 62 12.35 -12.94 3.39
C ILE B 62 11.14 -13.17 2.51
N ASN B 63 11.32 -13.01 1.20
CA ASN B 63 10.23 -13.15 0.25
C ASN B 63 10.13 -14.61 -0.19
N SER B 64 9.19 -15.35 0.36
CA SER B 64 9.21 -16.81 0.17
C SER B 64 8.56 -17.25 -1.15
N HIS B 65 8.26 -16.29 -2.02
CA HIS B 65 7.67 -16.63 -3.30
C HIS B 65 7.77 -15.54 -4.39
N GLN B 66 8.78 -15.65 -5.26
CA GLN B 66 8.94 -14.75 -6.42
C GLN B 66 8.87 -15.52 -7.74
N HIS B 67 8.63 -14.79 -8.84
CA HIS B 67 8.90 -15.25 -10.21
C HIS B 67 9.62 -14.11 -10.90
N LEU B 68 10.94 -14.08 -10.76
CA LEU B 68 11.70 -12.93 -11.19
C LEU B 68 11.53 -12.55 -12.66
N TYR B 69 11.37 -13.52 -13.56
CA TYR B 69 11.24 -13.18 -14.97
C TYR B 69 10.03 -12.26 -15.26
N GLU B 70 9.01 -12.33 -14.40
CA GLU B 70 7.81 -11.49 -14.55
C GLU B 70 8.03 -9.99 -14.32
N GLY B 71 9.24 -9.64 -13.89
CA GLY B 71 9.61 -8.24 -13.74
C GLY B 71 9.41 -7.50 -15.04
N ALA B 72 9.42 -8.26 -16.14
CA ALA B 72 9.30 -7.72 -17.47
C ALA B 72 7.85 -7.62 -17.94
N MET B 73 6.91 -8.02 -17.08
CA MET B 73 5.51 -8.07 -17.44
C MET B 73 4.64 -7.20 -16.54
N ARG B 74 5.19 -6.09 -16.06
CA ARG B 74 4.45 -5.21 -15.18
C ARG B 74 3.49 -4.28 -15.87
N ALA B 75 2.34 -4.09 -15.24
CA ALA B 75 1.40 -3.06 -15.64
C ALA B 75 1.06 -3.11 -17.16
N ILE B 76 0.81 -4.30 -17.65
CA ILE B 76 0.34 -4.47 -19.01
C ILE B 76 -1.18 -4.22 -19.05
N PRO B 77 -1.65 -3.23 -19.85
CA PRO B 77 -3.10 -2.93 -19.86
C PRO B 77 -3.99 -4.15 -20.07
N GLN B 78 -3.63 -5.06 -20.98
CA GLN B 78 -4.49 -6.20 -21.25
C GLN B 78 -4.60 -7.17 -20.08
N LEU B 79 -3.68 -7.08 -19.12
CA LEU B 79 -3.64 -8.01 -17.99
C LEU B 79 -4.01 -7.29 -16.68
N GLU B 80 -4.51 -6.07 -16.80
CA GLU B 80 -4.78 -5.25 -15.60
C GLU B 80 -5.92 -5.86 -14.79
N ARG B 81 -7.02 -6.12 -15.49
CA ARG B 81 -8.22 -6.66 -14.90
C ARG B 81 -8.58 -7.96 -15.60
N VAL B 82 -8.03 -9.06 -15.10
CA VAL B 82 -8.26 -10.37 -15.68
C VAL B 82 -8.39 -11.41 -14.60
N THR B 83 -9.17 -12.45 -14.88
CA THR B 83 -9.22 -13.61 -13.98
C THR B 83 -8.04 -14.53 -14.24
N MET B 84 -7.90 -15.59 -13.45
CA MET B 84 -6.72 -16.45 -13.56
C MET B 84 -6.52 -17.00 -14.97
N ALA B 85 -7.56 -17.62 -15.54
CA ALA B 85 -7.40 -18.24 -16.86
C ALA B 85 -6.83 -17.26 -17.87
N SER B 86 -7.40 -16.06 -17.93
CA SER B 86 -6.98 -15.05 -18.88
C SER B 86 -5.58 -14.55 -18.56
N TRP B 87 -5.27 -14.49 -17.26
CA TRP B 87 -3.96 -14.05 -16.80
C TRP B 87 -2.88 -15.03 -17.21
N LEU B 88 -3.10 -16.27 -16.83
CA LEU B 88 -2.16 -17.34 -17.13
C LEU B 88 -1.93 -17.41 -18.64
N GLU B 89 -3.01 -17.32 -19.41
CA GLU B 89 -2.90 -17.39 -20.87
C GLU B 89 -2.05 -16.23 -21.35
N GLY B 90 -2.30 -15.04 -20.80
CA GLY B 90 -1.55 -13.87 -21.18
C GLY B 90 -0.08 -13.99 -20.86
N VAL B 91 0.26 -14.52 -19.70
CA VAL B 91 1.66 -14.58 -19.29
C VAL B 91 2.40 -15.68 -20.05
N LEU B 92 1.75 -16.84 -20.23
CA LEU B 92 2.38 -17.91 -21.02
C LEU B 92 2.62 -17.50 -22.48
N THR B 93 1.69 -16.75 -23.07
CA THR B 93 1.83 -16.36 -24.47
C THR B 93 3.01 -15.40 -24.65
N ARG B 94 3.20 -14.49 -23.69
CA ARG B 94 4.28 -13.52 -23.76
C ARG B 94 5.61 -14.18 -23.52
N SER B 95 5.70 -15.06 -22.54
CA SER B 95 6.98 -15.67 -22.28
C SER B 95 7.33 -16.63 -23.43
N ALA B 96 6.32 -17.29 -24.02
CA ALA B 96 6.61 -18.22 -25.12
C ALA B 96 6.97 -17.44 -26.37
N GLY B 97 6.23 -16.37 -26.60
CA GLY B 97 6.43 -15.52 -27.78
C GLY B 97 7.70 -14.69 -27.75
N TRP B 98 7.98 -14.04 -26.62
CA TRP B 98 9.21 -13.27 -26.50
C TRP B 98 10.39 -14.23 -26.66
N TRP B 99 10.24 -15.42 -26.11
CA TRP B 99 11.32 -16.39 -26.17
C TRP B 99 11.57 -16.88 -27.59
N ARG B 100 10.50 -17.21 -28.29
CA ARG B 100 10.63 -17.69 -29.67
C ARG B 100 11.31 -16.64 -30.53
N ASP B 101 11.06 -15.37 -30.22
CA ASP B 101 11.55 -14.25 -31.02
C ASP B 101 12.90 -13.72 -30.55
N GLY B 102 13.53 -14.45 -29.65
CA GLY B 102 14.89 -14.15 -29.24
C GLY B 102 15.00 -12.95 -28.31
N LYS B 103 13.90 -12.63 -27.62
CA LYS B 103 13.87 -11.47 -26.74
C LYS B 103 13.83 -11.85 -25.25
N PHE B 104 14.04 -13.12 -24.94
CA PHE B 104 13.76 -13.58 -23.58
C PHE B 104 14.66 -14.76 -23.18
N GLY B 105 15.91 -14.70 -23.61
CA GLY B 105 16.87 -15.72 -23.26
C GLY B 105 17.44 -15.45 -21.88
N PRO B 106 18.18 -16.43 -21.32
CA PRO B 106 18.76 -16.31 -19.99
C PRO B 106 19.50 -14.97 -19.75
N ASP B 107 20.09 -14.39 -20.79
N ASP B 107 20.11 -14.40 -20.79
CA ASP B 107 20.78 -13.10 -20.64
CA ASP B 107 20.75 -13.10 -20.64
C ASP B 107 19.82 -11.92 -20.37
C ASP B 107 19.76 -12.02 -20.21
N VAL B 108 18.56 -12.05 -20.80
CA VAL B 108 17.56 -11.02 -20.49
C VAL B 108 17.03 -11.26 -19.08
N ILE B 109 16.83 -12.53 -18.76
CA ILE B 109 16.35 -12.89 -17.43
C ILE B 109 17.37 -12.45 -16.38
N ARG B 110 18.65 -12.52 -16.70
CA ARG B 110 19.66 -12.16 -15.74
C ARG B 110 19.45 -10.72 -15.26
N GLU B 111 19.16 -9.83 -16.21
CA GLU B 111 19.09 -8.41 -15.90
C GLU B 111 17.74 -8.01 -15.31
N VAL B 112 16.68 -8.73 -15.67
CA VAL B 112 15.37 -8.52 -15.07
C VAL B 112 15.50 -8.96 -13.62
N ALA B 113 16.09 -10.12 -13.45
CA ALA B 113 16.36 -10.64 -12.10
C ALA B 113 17.19 -9.62 -11.30
N ARG B 114 18.25 -9.06 -11.91
CA ARG B 114 19.09 -8.11 -11.21
C ARG B 114 18.33 -6.87 -10.71
N ALA B 115 17.44 -6.32 -11.54
CA ALA B 115 16.65 -5.16 -11.12
C ALA B 115 15.65 -5.51 -10.01
N VAL B 116 14.95 -6.63 -10.12
CA VAL B 116 13.95 -6.98 -9.13
C VAL B 116 14.61 -7.38 -7.82
N LEU B 117 15.80 -7.98 -7.87
CA LEU B 117 16.49 -8.34 -6.63
C LEU B 117 17.09 -7.12 -5.95
N LEU B 118 17.52 -6.14 -6.73
CA LEU B 118 18.01 -4.90 -6.15
C LEU B 118 16.84 -4.12 -5.53
N GLU B 119 15.70 -4.07 -6.23
CA GLU B 119 14.46 -3.55 -5.61
C GLU B 119 14.19 -4.28 -4.30
N SER B 120 14.34 -5.59 -4.29
CA SER B 120 14.11 -6.37 -3.09
C SER B 120 14.99 -5.87 -1.95
N LEU B 121 16.29 -5.76 -2.21
CA LEU B 121 17.24 -5.23 -1.22
C LEU B 121 16.81 -3.84 -0.72
N LEU B 122 16.42 -2.96 -1.65
CA LEU B 122 16.05 -1.60 -1.29
C LEU B 122 14.76 -1.56 -0.49
N GLY B 123 13.98 -2.64 -0.58
CA GLY B 123 12.79 -2.81 0.23
C GLY B 123 13.00 -3.56 1.53
N GLY B 124 14.24 -3.80 1.90
CA GLY B 124 14.52 -4.50 3.14
C GLY B 124 14.48 -6.02 3.07
N ILE B 125 14.48 -6.57 1.86
CA ILE B 125 14.39 -8.00 1.65
C ILE B 125 15.77 -8.59 1.47
N THR B 126 16.14 -9.49 2.36
CA THR B 126 17.51 -10.01 2.37
C THR B 126 17.64 -11.43 1.82
N THR B 127 16.52 -12.13 1.67
CA THR B 127 16.49 -13.46 1.02
C THR B 127 15.28 -13.53 0.10
N VAL B 128 15.48 -14.10 -1.07
CA VAL B 128 14.42 -14.31 -2.02
C VAL B 128 14.42 -15.76 -2.47
N ALA B 129 13.25 -16.38 -2.47
CA ALA B 129 13.05 -17.68 -3.12
C ALA B 129 12.32 -17.48 -4.43
N ASP B 130 13.02 -17.72 -5.54
CA ASP B 130 12.47 -17.53 -6.89
C ASP B 130 12.07 -18.86 -7.46
N GLN B 131 10.90 -18.95 -8.08
CA GLN B 131 10.57 -20.21 -8.71
C GLN B 131 10.32 -19.91 -10.16
N HIS B 132 11.21 -20.47 -10.94
CA HIS B 132 11.26 -20.23 -12.36
C HIS B 132 10.74 -21.44 -13.13
N PRO B 133 9.52 -21.34 -13.70
CA PRO B 133 8.85 -22.49 -14.30
C PRO B 133 9.20 -22.82 -15.76
N PHE B 134 9.81 -21.92 -16.53
CA PHE B 134 9.84 -22.16 -17.97
C PHE B 134 11.27 -22.42 -18.50
N PHE B 135 11.37 -23.62 -19.05
CA PHE B 135 12.58 -24.17 -19.62
C PHE B 135 12.19 -24.67 -21.00
N PRO B 136 11.96 -23.74 -21.94
CA PRO B 136 11.49 -24.10 -23.28
C PRO B 136 12.56 -24.79 -24.12
N GLY B 137 12.16 -25.72 -24.98
CA GLY B 137 13.06 -26.41 -25.88
C GLY B 137 13.25 -27.87 -25.48
N ALA B 138 14.30 -28.49 -26.02
CA ALA B 138 14.64 -29.89 -25.69
C ALA B 138 15.84 -29.94 -24.73
N THR B 139 16.37 -28.78 -24.38
CA THR B 139 17.45 -28.65 -23.40
C THR B 139 17.02 -27.72 -22.27
N ALA B 140 17.43 -28.04 -21.05
CA ALA B 140 17.11 -27.21 -19.88
C ALA B 140 17.96 -25.96 -19.87
N ASP B 141 17.33 -24.81 -20.09
CA ASP B 141 18.04 -23.53 -20.30
C ASP B 141 18.71 -23.00 -19.05
N SER B 142 19.61 -22.05 -19.25
CA SER B 142 20.39 -21.49 -18.16
C SER B 142 19.64 -20.44 -17.35
N TYR B 143 18.32 -20.53 -17.26
CA TYR B 143 17.55 -19.51 -16.55
C TYR B 143 17.89 -19.45 -15.07
N ILE B 144 17.96 -20.60 -14.42
CA ILE B 144 18.29 -20.60 -13.00
C ILE B 144 19.74 -20.17 -12.80
N ASP B 145 20.63 -20.51 -13.72
CA ASP B 145 22.00 -20.04 -13.64
C ASP B 145 22.03 -18.50 -13.70
N ALA B 146 21.20 -17.95 -14.55
CA ALA B 146 21.16 -16.52 -14.73
C ALA B 146 20.66 -15.81 -13.47
N THR B 147 19.61 -16.32 -12.85
CA THR B 147 19.12 -15.67 -11.66
C THR B 147 20.14 -15.81 -10.54
N ILE B 148 20.83 -16.95 -10.47
CA ILE B 148 21.77 -17.15 -9.38
C ILE B 148 22.92 -16.17 -9.61
N GLU B 149 23.32 -15.97 -10.86
CA GLU B 149 24.40 -15.03 -11.18
C GLU B 149 24.06 -13.60 -10.73
N ALA B 150 22.83 -13.19 -10.98
CA ALA B 150 22.37 -11.87 -10.57
C ALA B 150 22.38 -11.75 -9.06
N ALA B 151 21.88 -12.78 -8.38
CA ALA B 151 21.75 -12.74 -6.92
C ALA B 151 23.12 -12.66 -6.29
N THR B 152 24.05 -13.48 -6.79
CA THR B 152 25.40 -13.51 -6.23
C THR B 152 26.15 -12.19 -6.50
N ASP B 153 25.98 -11.61 -7.70
CA ASP B 153 26.55 -10.27 -7.98
C ASP B 153 26.09 -9.27 -6.94
N LEU B 154 24.78 -9.30 -6.63
CA LEU B 154 24.22 -8.32 -5.69
C LEU B 154 24.52 -8.63 -4.23
N GLY B 155 24.71 -9.90 -3.89
CA GLY B 155 24.95 -10.31 -2.52
C GLY B 155 23.68 -10.59 -1.73
N ILE B 156 22.58 -10.78 -2.44
CA ILE B 156 21.33 -11.14 -1.78
C ILE B 156 21.26 -12.66 -1.60
N ARG B 157 20.75 -13.09 -0.46
CA ARG B 157 20.66 -14.51 -0.15
C ARG B 157 19.57 -15.10 -1.06
N PHE B 158 19.74 -16.32 -1.57
CA PHE B 158 18.92 -16.77 -2.69
C PHE B 158 18.59 -18.24 -2.68
N HIS B 159 17.32 -18.53 -2.89
CA HIS B 159 16.86 -19.91 -3.07
C HIS B 159 16.23 -20.03 -4.44
N ALA B 160 16.79 -20.91 -5.26
CA ALA B 160 16.29 -21.13 -6.60
C ALA B 160 15.39 -22.37 -6.60
N VAL B 161 14.08 -22.16 -6.74
CA VAL B 161 13.15 -23.27 -6.74
C VAL B 161 12.97 -23.73 -8.18
N ARG B 162 13.48 -24.92 -8.52
CA ARG B 162 13.42 -25.36 -9.93
C ARG B 162 12.00 -25.81 -10.22
N SER B 163 11.34 -25.10 -11.11
CA SER B 163 9.97 -25.39 -11.37
C SER B 163 9.78 -26.05 -12.73
N SER B 164 8.55 -26.48 -12.98
CA SER B 164 8.26 -27.24 -14.18
C SER B 164 6.80 -27.20 -14.55
N MET B 165 6.48 -27.80 -15.69
CA MET B 165 5.10 -28.04 -16.10
C MET B 165 5.08 -29.35 -16.85
N THR B 166 5.25 -30.44 -16.10
CA THR B 166 5.46 -31.77 -16.68
C THR B 166 4.20 -32.41 -17.26
N LEU B 167 3.03 -31.94 -16.83
CA LEU B 167 1.77 -32.48 -17.31
C LEU B 167 1.30 -31.74 -18.56
N GLY B 168 1.18 -32.48 -19.66
CA GLY B 168 0.82 -31.90 -20.94
C GLY B 168 -0.68 -31.93 -21.17
N LYS B 169 -1.19 -30.93 -21.89
CA LYS B 169 -2.60 -30.90 -22.26
C LYS B 169 -2.97 -32.15 -23.02
N SER B 170 -1.97 -32.80 -23.61
CA SER B 170 -2.13 -34.07 -24.30
C SER B 170 -2.96 -35.05 -23.48
N GLU B 171 -2.42 -35.43 -22.33
CA GLU B 171 -3.12 -36.35 -21.44
C GLU B 171 -3.29 -35.74 -20.05
N GLY B 172 -4.53 -35.36 -19.76
CA GLY B 172 -4.96 -35.04 -18.42
C GLY B 172 -4.39 -33.77 -17.83
N GLY B 173 -3.69 -32.99 -18.64
CA GLY B 173 -2.99 -31.82 -18.12
C GLY B 173 -3.34 -30.52 -18.78
N PHE B 174 -2.43 -29.56 -18.66
CA PHE B 174 -2.57 -28.31 -19.41
C PHE B 174 -1.30 -27.46 -19.46
N CYS B 175 -0.72 -27.43 -20.66
CA CYS B 175 -0.03 -26.27 -21.21
C CYS B 175 0.49 -26.68 -22.58
N ASP B 176 0.89 -25.69 -23.37
CA ASP B 176 1.51 -25.93 -24.67
C ASP B 176 2.63 -26.97 -24.54
N ASP B 177 2.54 -28.06 -25.30
CA ASP B 177 3.45 -29.20 -25.12
C ASP B 177 4.88 -28.92 -25.58
N LEU B 178 5.40 -27.77 -25.12
CA LEU B 178 6.77 -27.34 -25.38
C LEU B 178 7.29 -26.57 -24.16
N PHE B 179 6.39 -26.20 -23.25
CA PHE B 179 6.77 -25.81 -21.90
C PHE B 179 6.89 -27.06 -21.03
N VAL B 180 6.72 -28.23 -21.66
CA VAL B 180 6.62 -29.52 -20.96
C VAL B 180 7.91 -30.35 -21.10
N GLU B 181 8.28 -31.05 -20.02
CA GLU B 181 9.51 -31.85 -20.00
C GLU B 181 9.28 -33.27 -19.44
N PRO B 182 10.16 -34.24 -19.79
CA PRO B 182 10.07 -35.58 -19.18
C PRO B 182 10.60 -35.61 -17.74
N VAL B 183 10.00 -36.44 -16.90
CA VAL B 183 10.32 -36.43 -15.48
C VAL B 183 11.81 -36.61 -15.23
N ASP B 184 12.45 -37.57 -15.88
CA ASP B 184 13.86 -37.83 -15.63
C ASP B 184 14.70 -36.63 -16.08
N ARG B 185 14.25 -35.90 -17.11
CA ARG B 185 14.96 -34.71 -17.53
C ARG B 185 14.97 -33.64 -16.44
N VAL B 186 13.82 -33.45 -15.82
CA VAL B 186 13.68 -32.49 -14.73
C VAL B 186 14.56 -32.90 -13.56
N VAL B 187 14.46 -34.16 -13.16
CA VAL B 187 15.24 -34.72 -12.06
C VAL B 187 16.73 -34.56 -12.27
N GLN B 188 17.17 -34.88 -13.49
CA GLN B 188 18.58 -34.81 -13.81
C GLN B 188 19.01 -33.34 -13.79
N HIS B 189 18.21 -32.44 -14.33
CA HIS B 189 18.57 -31.03 -14.29
C HIS B 189 18.72 -30.60 -12.83
N CYS B 190 17.83 -31.08 -11.97
CA CYS B 190 17.81 -30.66 -10.57
C CYS B 190 18.99 -31.19 -9.82
N LEU B 191 19.40 -32.41 -10.18
CA LEU B 191 20.53 -33.05 -9.52
C LEU B 191 21.81 -32.30 -9.86
N GLY B 192 21.90 -31.78 -11.08
CA GLY B 192 23.05 -30.98 -11.49
C GLY B 192 23.11 -29.62 -10.79
N LEU B 193 21.94 -28.99 -10.65
CA LEU B 193 21.83 -27.70 -9.97
C LEU B 193 22.29 -27.83 -8.53
N ILE B 194 21.80 -28.86 -7.85
CA ILE B 194 22.19 -29.11 -6.46
C ILE B 194 23.71 -29.30 -6.36
N ASP B 195 24.27 -30.05 -7.29
CA ASP B 195 25.70 -30.32 -7.33
C ASP B 195 26.49 -29.03 -7.57
N GLN B 196 26.07 -28.25 -8.55
CA GLN B 196 26.77 -27.01 -8.85
C GLN B 196 26.59 -25.90 -7.80
N TYR B 197 25.37 -25.73 -7.28
CA TYR B 197 25.02 -24.48 -6.59
C TYR B 197 24.65 -24.58 -5.12
N HIS B 198 24.18 -25.75 -4.70
CA HIS B 198 23.58 -25.85 -3.37
C HIS B 198 24.61 -25.65 -2.26
N GLU B 199 24.30 -24.74 -1.33
CA GLU B 199 25.15 -24.47 -0.16
C GLU B 199 24.39 -24.84 1.13
N PRO B 200 24.48 -26.09 1.54
CA PRO B 200 23.66 -26.58 2.66
C PRO B 200 24.16 -26.16 4.04
N GLU B 201 25.36 -25.61 4.10
CA GLU B 201 25.95 -25.20 5.37
C GLU B 201 25.12 -24.07 6.00
N PRO B 202 25.21 -23.89 7.33
CA PRO B 202 24.58 -22.67 7.86
C PRO B 202 25.16 -21.43 7.21
N PHE B 203 24.29 -20.44 6.99
CA PHE B 203 24.66 -19.18 6.35
C PHE B 203 24.94 -19.35 4.87
N GLY B 204 24.55 -20.48 4.31
CA GLY B 204 24.71 -20.70 2.90
C GLY B 204 23.96 -19.64 2.12
N MET B 205 24.56 -19.16 1.04
CA MET B 205 23.97 -18.03 0.32
C MET B 205 23.15 -18.44 -0.90
N VAL B 206 23.36 -19.65 -1.40
CA VAL B 206 22.56 -20.16 -2.50
C VAL B 206 22.06 -21.55 -2.12
N ARG B 207 20.77 -21.78 -2.32
CA ARG B 207 20.14 -23.10 -2.11
C ARG B 207 19.16 -23.45 -3.21
N ILE B 208 19.03 -24.75 -3.49
CA ILE B 208 18.11 -25.25 -4.49
C ILE B 208 16.92 -25.89 -3.77
N ALA B 209 15.74 -25.66 -4.32
CA ALA B 209 14.53 -26.32 -3.88
C ALA B 209 13.80 -26.90 -5.08
N LEU B 210 12.82 -27.75 -4.81
CA LEU B 210 12.13 -28.48 -5.87
C LEU B 210 10.66 -28.08 -5.95
N GLY B 211 10.26 -27.55 -7.09
CA GLY B 211 8.98 -26.88 -7.18
C GLY B 211 8.12 -27.16 -8.38
N PRO B 212 7.42 -28.28 -8.37
CA PRO B 212 6.41 -28.42 -9.41
C PRO B 212 5.44 -27.23 -9.37
N CYS B 213 4.97 -26.80 -10.53
CA CYS B 213 4.04 -25.69 -10.59
C CYS B 213 2.75 -26.02 -9.83
N GLY B 214 2.28 -27.27 -9.88
CA GLY B 214 1.08 -27.65 -9.14
C GLY B 214 0.55 -29.06 -9.31
N VAL B 215 -0.48 -29.38 -8.55
CA VAL B 215 -1.10 -30.72 -8.57
C VAL B 215 -1.76 -31.01 -9.92
N THR B 216 -2.25 -29.98 -10.59
CA THR B 216 -2.90 -30.18 -11.88
C THR B 216 -1.97 -29.86 -13.06
N HIS B 217 -0.70 -29.56 -12.77
CA HIS B 217 0.24 -29.11 -13.79
C HIS B 217 1.44 -30.04 -13.95
N ASP B 218 1.56 -31.01 -13.04
CA ASP B 218 2.73 -31.86 -13.00
C ASP B 218 2.32 -33.28 -12.69
N LYS B 219 3.10 -34.23 -13.21
CA LYS B 219 2.83 -35.64 -13.02
C LYS B 219 3.16 -36.09 -11.62
N PRO B 220 2.40 -37.07 -11.09
CA PRO B 220 2.69 -37.56 -9.75
C PRO B 220 4.09 -38.18 -9.65
N GLU B 221 4.58 -38.73 -10.74
CA GLU B 221 5.94 -39.28 -10.77
C GLU B 221 6.96 -38.23 -10.33
N LEU B 222 6.76 -36.99 -10.77
CA LEU B 222 7.66 -35.92 -10.39
C LEU B 222 7.58 -35.66 -8.89
N PHE B 223 6.36 -35.55 -8.36
CA PHE B 223 6.17 -35.33 -6.94
C PHE B 223 6.88 -36.39 -6.12
N GLU B 224 6.79 -37.66 -6.55
CA GLU B 224 7.41 -38.72 -5.77
C GLU B 224 8.92 -38.68 -5.89
N ALA B 225 9.43 -38.41 -7.09
CA ALA B 225 10.88 -38.30 -7.29
C ALA B 225 11.45 -37.15 -6.47
N PHE B 226 10.79 -35.98 -6.52
CA PHE B 226 11.17 -34.85 -5.67
C PHE B 226 11.09 -35.20 -4.17
N ALA B 227 10.02 -35.86 -3.71
CA ALA B 227 9.93 -36.30 -2.30
C ALA B 227 11.16 -37.11 -1.86
N GLN B 228 11.64 -37.99 -2.72
CA GLN B 228 12.83 -38.78 -2.40
C GLN B 228 14.06 -37.90 -2.39
N MET B 229 14.19 -37.03 -3.38
CA MET B 229 15.34 -36.15 -3.47
C MET B 229 15.47 -35.28 -2.25
N ALA B 230 14.35 -34.78 -1.76
CA ALA B 230 14.35 -33.86 -0.63
C ALA B 230 14.99 -34.55 0.57
N ALA B 231 14.65 -35.83 0.77
CA ALA B 231 15.26 -36.61 1.85
C ALA B 231 16.74 -36.87 1.61
N ASP B 232 17.09 -37.35 0.40
CA ASP B 232 18.49 -37.63 0.05
C ASP B 232 19.39 -36.43 0.20
N TYR B 233 18.94 -35.29 -0.34
CA TYR B 233 19.78 -34.11 -0.40
C TYR B 233 19.38 -33.03 0.59
N ASP B 234 18.40 -33.34 1.44
CA ASP B 234 17.95 -32.36 2.45
C ASP B 234 17.68 -30.98 1.83
N VAL B 235 16.86 -30.97 0.79
CA VAL B 235 16.38 -29.73 0.17
C VAL B 235 14.88 -29.66 0.42
N ARG B 236 14.27 -28.55 0.03
CA ARG B 236 12.87 -28.33 0.36
C ARG B 236 11.98 -28.47 -0.86
N LEU B 237 10.69 -28.67 -0.58
CA LEU B 237 9.66 -28.85 -1.59
C LEU B 237 8.66 -27.72 -1.58
N HIS B 238 8.34 -27.21 -2.76
CA HIS B 238 7.45 -26.07 -2.89
C HIS B 238 6.42 -26.29 -3.99
N THR B 239 5.15 -26.01 -3.75
CA THR B 239 4.22 -25.92 -4.85
C THR B 239 3.05 -25.00 -4.52
N HIS B 240 2.22 -24.73 -5.53
CA HIS B 240 1.05 -23.89 -5.34
C HIS B 240 -0.04 -24.78 -4.79
N PHE B 241 -1.02 -24.17 -4.11
CA PHE B 241 -1.90 -24.93 -3.25
C PHE B 241 -3.23 -24.26 -3.00
N TYR B 242 -4.30 -24.97 -3.36
CA TYR B 242 -5.67 -24.51 -3.19
C TYR B 242 -5.86 -23.09 -3.67
N GLN B 243 -5.50 -22.87 -4.93
CA GLN B 243 -6.03 -21.74 -5.67
C GLN B 243 -7.45 -22.15 -6.01
N PRO B 244 -8.33 -21.16 -6.21
CA PRO B 244 -9.67 -21.53 -6.68
C PRO B 244 -9.55 -22.36 -7.97
N LEU B 245 -10.45 -23.33 -8.13
CA LEU B 245 -10.53 -24.24 -9.29
C LEU B 245 -9.60 -25.46 -9.19
N ASP B 246 -8.55 -25.38 -8.38
CA ASP B 246 -7.67 -26.54 -8.16
C ASP B 246 -8.41 -27.78 -7.65
N ALA B 247 -9.36 -27.56 -6.76
CA ALA B 247 -10.07 -28.68 -6.13
C ALA B 247 -10.91 -29.40 -7.20
N GLY B 248 -11.52 -28.64 -8.10
CA GLY B 248 -12.31 -29.23 -9.17
C GLY B 248 -11.45 -30.02 -10.14
N MET B 249 -10.29 -29.48 -10.47
CA MET B 249 -9.41 -30.09 -11.45
C MET B 249 -8.77 -31.33 -10.89
N SER B 250 -8.45 -31.29 -9.61
CA SER B 250 -7.84 -32.41 -8.92
C SER B 250 -8.79 -33.59 -8.86
N ASP B 251 -10.07 -33.28 -8.72
CA ASP B 251 -11.08 -34.30 -8.59
C ASP B 251 -11.42 -34.88 -9.96
N HIS B 252 -11.37 -34.03 -10.99
CA HIS B 252 -11.58 -34.47 -12.36
C HIS B 252 -10.46 -35.41 -12.80
N LEU B 253 -9.24 -35.18 -12.29
CA LEU B 253 -8.07 -35.92 -12.74
C LEU B 253 -7.73 -37.12 -11.87
N TYR B 254 -8.02 -37.03 -10.57
CA TYR B 254 -7.56 -38.05 -9.62
C TYR B 254 -8.65 -38.47 -8.64
N GLY B 255 -9.80 -37.81 -8.72
CA GLY B 255 -10.90 -38.12 -7.82
C GLY B 255 -10.53 -37.96 -6.36
N MET B 256 -9.60 -37.04 -6.09
CA MET B 256 -9.22 -36.73 -4.71
C MET B 256 -8.85 -35.24 -4.61
N THR B 257 -8.79 -34.73 -3.38
CA THR B 257 -8.47 -33.32 -3.23
C THR B 257 -7.00 -33.05 -3.50
N PRO B 258 -6.65 -31.78 -3.71
CA PRO B 258 -5.23 -31.44 -3.86
C PRO B 258 -4.40 -31.93 -2.68
N TRP B 259 -4.92 -31.84 -1.47
CA TRP B 259 -4.19 -32.28 -0.29
C TRP B 259 -4.00 -33.79 -0.23
N ARG B 260 -5.01 -34.53 -0.65
CA ARG B 260 -4.97 -35.98 -0.59
C ARG B 260 -3.91 -36.45 -1.57
N PHE B 261 -3.88 -35.79 -2.74
CA PHE B 261 -2.87 -36.02 -3.76
C PHE B 261 -1.46 -35.84 -3.17
N LEU B 262 -1.23 -34.72 -2.50
CA LEU B 262 0.08 -34.45 -1.95
C LEU B 262 0.46 -35.54 -0.96
N GLU B 263 -0.45 -35.88 -0.07
CA GLU B 263 -0.20 -36.89 0.95
C GLU B 263 0.15 -38.22 0.30
N LYS B 264 -0.59 -38.54 -0.75
CA LYS B 264 -0.44 -39.79 -1.48
C LYS B 264 0.96 -39.90 -2.10
N HIS B 265 1.54 -38.76 -2.48
CA HIS B 265 2.79 -38.73 -3.23
C HIS B 265 3.96 -38.14 -2.45
N GLY B 266 3.85 -38.15 -1.12
CA GLY B 266 5.00 -37.94 -0.26
C GLY B 266 5.24 -36.51 0.19
N TRP B 267 4.28 -35.64 -0.08
CA TRP B 267 4.39 -34.20 0.22
C TRP B 267 3.67 -33.75 1.49
N ALA B 268 3.02 -34.66 2.20
CA ALA B 268 2.51 -34.32 3.53
C ALA B 268 3.63 -34.54 4.54
N SER B 269 4.56 -33.58 4.58
CA SER B 269 5.71 -33.65 5.48
C SER B 269 6.25 -32.26 5.85
N ASP B 270 7.21 -32.23 6.78
CA ASP B 270 7.77 -30.96 7.22
C ASP B 270 8.90 -30.44 6.31
N ARG B 271 9.03 -31.03 5.13
CA ARG B 271 9.96 -30.54 4.11
C ARG B 271 9.30 -29.55 3.15
N VAL B 272 8.03 -29.25 3.37
CA VAL B 272 7.18 -28.65 2.34
C VAL B 272 6.64 -27.25 2.71
N TRP B 273 6.67 -26.32 1.76
CA TRP B 273 5.91 -25.10 1.95
C TRP B 273 5.05 -24.85 0.73
N LEU B 274 3.90 -24.23 0.97
CA LEU B 274 2.84 -24.19 -0.03
C LEU B 274 2.35 -22.79 -0.24
N ALA B 275 2.18 -22.40 -1.51
CA ALA B 275 1.87 -21.02 -1.86
C ALA B 275 0.35 -20.75 -1.98
N HIS B 276 -0.10 -19.65 -1.36
CA HIS B 276 -1.47 -19.16 -1.46
C HIS B 276 -2.37 -19.84 -0.42
N ALA B 277 -2.72 -21.11 -0.66
CA ALA B 277 -3.59 -21.83 0.25
C ALA B 277 -4.87 -21.05 0.51
N VAL B 278 -5.54 -20.63 -0.56
CA VAL B 278 -6.65 -19.70 -0.41
C VAL B 278 -7.93 -20.38 0.04
N VAL B 279 -8.26 -21.53 -0.55
CA VAL B 279 -9.56 -22.14 -0.33
C VAL B 279 -9.47 -23.64 0.02
N PRO B 280 -8.81 -23.97 1.14
CA PRO B 280 -8.79 -25.39 1.53
C PRO B 280 -10.10 -25.79 2.21
N PRO B 281 -10.49 -27.07 2.10
CA PRO B 281 -11.56 -27.57 2.97
C PRO B 281 -11.12 -27.41 4.43
N ARG B 282 -11.93 -26.74 5.24
CA ARG B 282 -11.53 -26.47 6.63
C ARG B 282 -11.15 -27.74 7.39
N GLU B 283 -11.78 -28.88 7.07
CA GLU B 283 -11.49 -30.10 7.82
C GLU B 283 -10.07 -30.62 7.55
N GLU B 284 -9.42 -30.12 6.50
CA GLU B 284 -8.07 -30.53 6.17
C GLU B 284 -6.99 -29.73 6.94
N ILE B 285 -7.34 -28.58 7.48
CA ILE B 285 -6.35 -27.72 8.13
C ILE B 285 -5.63 -28.40 9.29
N PRO B 286 -6.36 -29.13 10.16
CA PRO B 286 -5.70 -29.94 11.19
C PRO B 286 -4.66 -30.90 10.61
N GLU B 287 -4.91 -31.40 9.41
CA GLU B 287 -4.00 -32.33 8.78
C GLU B 287 -2.75 -31.62 8.30
N PHE B 288 -2.90 -30.36 7.88
CA PHE B 288 -1.74 -29.59 7.42
C PHE B 288 -0.81 -29.44 8.60
N ALA B 289 -1.42 -29.11 9.74
CA ALA B 289 -0.72 -28.90 10.99
C ALA B 289 0.08 -30.12 11.41
N ASP B 290 -0.60 -31.26 11.47
CA ASP B 290 0.04 -32.51 11.87
C ASP B 290 1.14 -32.91 10.89
N ALA B 291 0.91 -32.70 9.60
CA ALA B 291 1.93 -33.01 8.60
C ALA B 291 3.17 -32.14 8.76
N GLY B 292 2.97 -30.92 9.22
CA GLY B 292 4.09 -30.00 9.41
C GLY B 292 4.40 -29.16 8.17
N VAL B 293 3.47 -29.12 7.22
CA VAL B 293 3.63 -28.27 6.06
C VAL B 293 3.56 -26.81 6.52
N ALA B 294 4.29 -25.96 5.83
CA ALA B 294 4.25 -24.51 6.03
C ALA B 294 3.51 -23.89 4.86
N ILE B 295 3.04 -22.67 5.07
CA ILE B 295 2.22 -21.95 4.09
C ILE B 295 2.72 -20.52 3.87
N ALA B 296 2.83 -20.10 2.61
CA ALA B 296 3.15 -18.71 2.31
C ALA B 296 1.90 -17.93 1.91
N HIS B 297 1.58 -16.89 2.68
CA HIS B 297 0.48 -15.98 2.38
C HIS B 297 0.93 -14.99 1.33
N LEU B 298 0.13 -14.86 0.26
CA LEU B 298 0.46 -14.09 -0.92
C LEU B 298 -0.72 -13.16 -1.25
N ILE B 299 -0.86 -12.12 -0.41
CA ILE B 299 -2.08 -11.37 -0.39
C ILE B 299 -2.31 -10.62 -1.71
N ALA B 300 -1.24 -10.11 -2.32
CA ALA B 300 -1.41 -9.24 -3.47
C ALA B 300 -2.03 -9.96 -4.67
N PRO B 301 -1.46 -11.10 -5.09
CA PRO B 301 -2.16 -11.83 -6.17
C PRO B 301 -3.52 -12.37 -5.76
N ASP B 302 -3.65 -12.81 -4.51
CA ASP B 302 -4.92 -13.33 -4.07
C ASP B 302 -6.00 -12.26 -4.25
N LEU B 303 -5.67 -11.00 -3.99
CA LEU B 303 -6.63 -9.92 -4.24
C LEU B 303 -6.72 -9.57 -5.70
N ARG B 304 -5.57 -9.54 -6.37
CA ARG B 304 -5.47 -9.08 -7.75
C ARG B 304 -6.28 -9.97 -8.67
N LEU B 305 -6.32 -11.25 -8.35
CA LEU B 305 -6.99 -12.21 -9.21
C LEU B 305 -8.43 -12.48 -8.75
N GLY B 306 -8.85 -11.80 -7.70
CA GLY B 306 -10.22 -11.88 -7.22
C GLY B 306 -10.47 -13.10 -6.36
N TRP B 307 -9.39 -13.74 -5.94
CA TRP B 307 -9.48 -14.97 -5.17
C TRP B 307 -9.99 -14.76 -3.75
N GLY B 308 -9.66 -13.62 -3.14
CA GLY B 308 -10.08 -13.33 -1.79
C GLY B 308 -9.05 -13.68 -0.73
N LEU B 309 -9.57 -13.96 0.46
CA LEU B 309 -8.80 -14.02 1.68
C LEU B 309 -8.54 -15.43 2.21
N ALA B 310 -7.28 -15.86 2.14
CA ALA B 310 -6.84 -17.11 2.72
C ALA B 310 -7.13 -17.12 4.23
N PRO B 311 -7.50 -18.28 4.78
CA PRO B 311 -7.83 -18.36 6.21
C PRO B 311 -6.56 -18.36 7.08
N ILE B 312 -5.85 -17.23 7.08
CA ILE B 312 -4.56 -17.17 7.78
C ILE B 312 -4.70 -17.31 9.30
N ARG B 313 -5.72 -16.69 9.88
CA ARG B 313 -5.92 -16.80 11.30
C ARG B 313 -6.08 -18.27 11.68
N GLU B 314 -6.89 -18.98 10.90
CA GLU B 314 -7.12 -20.39 11.14
C GLU B 314 -5.83 -21.18 11.08
N TYR B 315 -4.91 -20.79 10.19
CA TYR B 315 -3.61 -21.46 10.11
C TYR B 315 -2.80 -21.19 11.37
N LEU B 316 -2.76 -19.94 11.78
CA LEU B 316 -2.05 -19.62 13.01
C LEU B 316 -2.66 -20.33 14.24
N ASP B 317 -3.99 -20.34 14.32
CA ASP B 317 -4.67 -21.04 15.42
C ASP B 317 -4.24 -22.50 15.46
N ALA B 318 -3.96 -23.07 14.30
CA ALA B 318 -3.66 -24.49 14.19
C ALA B 318 -2.18 -24.77 14.34
N GLY B 319 -1.40 -23.71 14.51
CA GLY B 319 0.02 -23.83 14.70
C GLY B 319 0.78 -24.11 13.42
N ILE B 320 0.16 -23.86 12.26
CA ILE B 320 0.88 -23.97 10.99
C ILE B 320 1.85 -22.80 10.78
N THR B 321 3.06 -23.10 10.31
CA THR B 321 4.02 -22.08 9.93
C THR B 321 3.42 -21.23 8.79
N VAL B 322 3.38 -19.91 8.96
CA VAL B 322 2.90 -19.02 7.90
C VAL B 322 3.95 -17.98 7.57
N GLY B 323 4.40 -18.00 6.31
CA GLY B 323 5.34 -17.03 5.81
C GLY B 323 4.63 -16.04 4.90
N PHE B 324 5.40 -15.29 4.12
CA PHE B 324 4.83 -14.23 3.29
C PHE B 324 5.63 -14.08 2.01
N GLY B 325 4.97 -13.65 0.96
CA GLY B 325 5.63 -13.39 -0.31
C GLY B 325 4.84 -12.48 -1.23
N THR B 326 5.45 -12.05 -2.32
CA THR B 326 4.84 -11.14 -3.30
C THR B 326 4.26 -11.82 -4.55
N THR B 327 4.67 -13.05 -4.80
CA THR B 327 4.64 -13.64 -6.11
C THR B 327 5.30 -12.67 -7.09
N GLY B 328 5.05 -12.91 -8.35
CA GLY B 328 5.86 -12.36 -9.43
C GLY B 328 5.17 -11.09 -9.83
N SER B 329 5.88 -10.28 -10.57
CA SER B 329 5.45 -8.91 -10.78
C SER B 329 4.47 -8.79 -11.94
N ALA B 330 4.04 -9.92 -12.52
CA ALA B 330 2.89 -9.89 -13.42
C ALA B 330 1.57 -10.03 -12.67
N SER B 331 1.64 -10.42 -11.39
CA SER B 331 0.46 -10.47 -10.53
C SER B 331 0.77 -9.85 -9.18
N ASN B 332 1.11 -8.57 -9.20
CA ASN B 332 1.33 -7.88 -7.94
C ASN B 332 1.10 -6.37 -8.01
N ASP B 333 1.81 -5.57 -8.82
CA ASP B 333 2.83 -5.95 -9.80
C ASP B 333 4.24 -5.52 -9.37
N GLY B 334 4.51 -5.56 -8.08
CA GLY B 334 5.80 -5.11 -7.58
C GLY B 334 6.42 -6.17 -6.74
N GLY B 335 7.65 -5.91 -6.27
CA GLY B 335 8.29 -6.83 -5.36
C GLY B 335 8.43 -6.25 -3.97
N ASN B 336 7.48 -5.41 -3.59
CA ASN B 336 7.51 -4.70 -2.31
C ASN B 336 6.77 -5.46 -1.25
N LEU B 337 7.50 -6.30 -0.52
CA LEU B 337 6.94 -7.19 0.48
C LEU B 337 6.36 -6.40 1.65
N LEU B 338 7.09 -5.39 2.13
CA LEU B 338 6.64 -4.59 3.28
C LEU B 338 5.31 -3.91 2.95
N GLY B 339 5.24 -3.37 1.74
CA GLY B 339 4.04 -2.70 1.27
C GLY B 339 2.86 -3.68 1.29
N ASP B 340 3.11 -4.89 0.80
CA ASP B 340 2.04 -5.89 0.76
C ASP B 340 1.55 -6.24 2.15
N LEU B 341 2.39 -6.14 3.17
CA LEU B 341 1.92 -6.45 4.51
C LEU B 341 0.76 -5.55 4.90
N ARG B 342 0.80 -4.29 4.45
CA ARG B 342 -0.28 -3.36 4.74
C ARG B 342 -1.57 -3.82 4.05
N LEU B 343 -1.47 -4.36 2.85
CA LEU B 343 -2.65 -4.86 2.16
C LEU B 343 -3.33 -5.91 3.00
N ALA B 344 -2.51 -6.80 3.56
CA ALA B 344 -3.04 -7.90 4.35
C ALA B 344 -3.62 -7.37 5.67
N ALA B 345 -2.92 -6.45 6.32
CA ALA B 345 -3.37 -5.87 7.58
C ALA B 345 -4.79 -5.40 7.46
N LEU B 346 -5.07 -4.73 6.35
CA LEU B 346 -6.36 -4.10 6.19
C LEU B 346 -7.39 -5.04 5.53
N ALA B 347 -6.95 -5.81 4.54
CA ALA B 347 -7.92 -6.53 3.72
C ALA B 347 -8.60 -7.69 4.45
N HIS B 348 -7.91 -8.28 5.42
CA HIS B 348 -8.53 -9.36 6.20
C HIS B 348 -9.67 -8.92 7.13
N ARG B 349 -9.73 -7.64 7.48
CA ARG B 349 -10.56 -7.22 8.61
C ARG B 349 -12.05 -7.35 8.32
N PRO B 350 -12.51 -6.91 7.14
CA PRO B 350 -13.98 -6.94 6.96
C PRO B 350 -14.56 -8.37 6.99
N ALA B 351 -13.73 -9.40 6.92
CA ALA B 351 -14.23 -10.77 6.97
C ALA B 351 -14.77 -11.09 8.37
N ASP B 352 -14.29 -10.36 9.37
CA ASP B 352 -14.58 -10.60 10.77
C ASP B 352 -14.88 -9.27 11.45
N PRO B 353 -15.98 -8.62 11.01
CA PRO B 353 -16.23 -7.22 11.35
C PRO B 353 -16.48 -6.99 12.83
N ASN B 354 -16.84 -8.04 13.55
CA ASN B 354 -17.16 -7.89 14.98
C ASN B 354 -16.19 -8.62 15.90
N GLU B 355 -15.13 -9.18 15.34
CA GLU B 355 -14.15 -9.94 16.08
C GLU B 355 -12.76 -9.47 15.71
N PRO B 356 -12.37 -8.28 16.19
CA PRO B 356 -11.08 -7.70 15.82
C PRO B 356 -9.92 -8.49 16.34
N GLU B 357 -10.18 -9.31 17.35
CA GLU B 357 -9.13 -10.18 17.86
C GLU B 357 -8.65 -11.17 16.80
N LYS B 358 -9.47 -11.42 15.78
CA LYS B 358 -9.07 -12.35 14.70
C LYS B 358 -8.26 -11.66 13.60
N TRP B 359 -8.31 -10.33 13.58
CA TRP B 359 -7.53 -9.60 12.60
C TRP B 359 -6.04 -9.84 12.80
N LEU B 360 -5.28 -9.88 11.71
CA LEU B 360 -3.83 -10.05 11.78
C LEU B 360 -3.17 -8.76 12.31
N SER B 361 -2.32 -8.89 13.30
CA SER B 361 -1.64 -7.71 13.83
C SER B 361 -0.36 -7.38 13.05
N ALA B 362 0.11 -6.14 13.23
CA ALA B 362 1.36 -5.72 12.64
C ALA B 362 2.49 -6.68 12.99
N ARG B 363 2.54 -7.07 14.25
CA ARG B 363 3.62 -7.96 14.67
C ARG B 363 3.46 -9.35 14.04
N GLU B 364 2.25 -9.85 13.92
CA GLU B 364 2.05 -11.16 13.29
C GLU B 364 2.52 -11.13 11.84
N LEU B 365 2.18 -10.06 11.15
CA LEU B 365 2.57 -9.86 9.75
C LEU B 365 4.09 -9.69 9.59
N LEU B 366 4.69 -8.80 10.36
CA LEU B 366 6.12 -8.67 10.35
C LEU B 366 6.78 -10.03 10.64
N ARG B 367 6.15 -10.82 11.48
N ARG B 367 6.18 -10.86 11.47
CA ARG B 367 6.63 -12.14 11.83
CA ARG B 367 6.82 -12.13 11.76
C ARG B 367 6.62 -13.06 10.61
C ARG B 367 6.65 -13.10 10.58
N MET B 368 5.51 -13.05 9.89
CA MET B 368 5.36 -13.88 8.68
C MET B 368 6.46 -13.53 7.68
N ALA B 369 6.75 -12.24 7.59
CA ALA B 369 7.66 -11.68 6.59
C ALA B 369 9.12 -11.94 6.92
N THR B 370 9.39 -12.44 8.13
CA THR B 370 10.76 -12.66 8.55
C THR B 370 10.91 -14.12 9.03
N ARG B 371 10.60 -14.38 10.30
CA ARG B 371 10.76 -15.72 10.86
C ARG B 371 9.84 -16.75 10.20
N GLY B 372 8.60 -16.38 9.91
CA GLY B 372 7.68 -17.28 9.24
C GLY B 372 8.21 -17.72 7.88
N SER B 373 8.61 -16.74 7.05
CA SER B 373 9.19 -17.07 5.75
C SER B 373 10.48 -17.88 5.91
N ALA B 374 11.30 -17.53 6.89
CA ALA B 374 12.51 -18.32 7.14
C ALA B 374 12.16 -19.80 7.35
N GLU B 375 11.16 -20.05 8.18
CA GLU B 375 10.72 -21.41 8.47
C GLU B 375 10.19 -22.09 7.21
N CYS B 376 9.41 -21.37 6.40
CA CYS B 376 8.96 -21.89 5.10
C CYS B 376 10.13 -22.44 4.28
N LEU B 377 11.24 -21.70 4.26
CA LEU B 377 12.37 -22.05 3.41
C LEU B 377 13.31 -23.01 4.16
N GLY B 378 12.95 -23.36 5.39
CA GLY B 378 13.76 -24.23 6.22
C GLY B 378 15.09 -23.61 6.64
N ARG B 379 15.07 -22.34 7.03
CA ARG B 379 16.28 -21.61 7.42
C ARG B 379 16.21 -21.21 8.90
N PRO B 380 16.59 -22.14 9.81
CA PRO B 380 16.67 -21.82 11.24
C PRO B 380 17.81 -20.84 11.54
N ASP B 381 18.69 -20.59 10.56
CA ASP B 381 19.74 -19.61 10.71
C ASP B 381 19.30 -18.16 10.37
N LEU B 382 18.07 -17.95 9.90
CA LEU B 382 17.58 -16.62 9.48
C LEU B 382 16.32 -16.19 10.25
N GLY B 383 15.86 -14.97 9.95
CA GLY B 383 14.54 -14.53 10.39
C GLY B 383 14.42 -14.10 11.85
N VAL B 384 15.54 -14.09 12.55
CA VAL B 384 15.55 -13.79 13.98
C VAL B 384 16.79 -12.99 14.33
N LEU B 385 16.62 -11.90 15.10
CA LEU B 385 17.78 -11.14 15.54
C LEU B 385 18.31 -11.67 16.88
N GLU B 386 19.24 -12.60 16.84
CA GLU B 386 19.90 -13.05 18.07
C GLU B 386 21.26 -13.67 17.80
N GLU B 387 22.06 -13.81 18.85
CA GLU B 387 23.37 -14.47 18.76
C GLU B 387 23.31 -15.81 18.02
N GLY B 388 24.17 -15.94 17.00
CA GLY B 388 24.30 -17.19 16.27
C GLY B 388 23.54 -17.29 14.95
N ARG B 389 22.62 -16.36 14.72
CA ARG B 389 21.88 -16.30 13.46
C ARG B 389 22.61 -15.42 12.45
N ALA B 390 22.24 -15.52 11.17
CA ALA B 390 22.84 -14.73 10.10
C ALA B 390 22.70 -13.24 10.38
N ALA B 391 23.74 -12.50 10.03
CA ALA B 391 23.71 -11.06 10.05
C ALA B 391 22.95 -10.57 8.82
N ASP B 392 21.64 -10.87 8.83
CA ASP B 392 20.69 -10.43 7.81
C ASP B 392 19.75 -9.48 8.50
N ILE B 393 19.87 -8.20 8.17
CA ILE B 393 19.26 -7.13 8.95
C ILE B 393 18.71 -6.01 8.09
N ALA B 394 17.48 -5.58 8.40
CA ALA B 394 16.82 -4.50 7.66
C ALA B 394 16.30 -3.43 8.58
N CYS B 395 16.70 -2.20 8.30
CA CYS B 395 16.35 -1.06 9.14
C CYS B 395 15.67 0.05 8.35
N TRP B 396 14.67 0.65 8.99
CA TRP B 396 13.96 1.81 8.45
C TRP B 396 14.04 3.00 9.40
N ARG B 397 14.14 4.19 8.82
CA ARG B 397 14.14 5.43 9.60
C ARG B 397 12.73 5.74 10.09
N LEU B 398 12.65 6.27 11.30
CA LEU B 398 11.38 6.61 11.96
C LEU B 398 11.15 8.11 12.04
N ASP B 399 12.14 8.89 11.64
CA ASP B 399 12.15 10.32 11.84
C ASP B 399 11.70 11.11 10.61
N GLY B 400 10.87 10.50 9.78
CA GLY B 400 10.33 11.17 8.61
C GLY B 400 9.05 11.92 8.90
N VAL B 401 8.72 12.90 8.07
CA VAL B 401 7.55 13.72 8.33
C VAL B 401 6.29 12.86 8.26
N ASP B 402 6.35 11.81 7.43
CA ASP B 402 5.22 10.92 7.27
C ASP B 402 5.02 9.92 8.41
N ARG B 403 5.95 9.86 9.35
CA ARG B 403 5.79 8.99 10.52
C ARG B 403 5.71 9.81 11.81
N VAL B 404 5.56 11.13 11.70
CA VAL B 404 5.35 11.96 12.87
C VAL B 404 4.06 11.48 13.54
N GLY B 405 4.05 11.43 14.87
CA GLY B 405 2.85 11.05 15.62
C GLY B 405 2.63 9.55 15.86
N VAL B 406 3.55 8.74 15.35
CA VAL B 406 3.49 7.30 15.52
C VAL B 406 3.87 6.91 16.95
N HIS B 407 3.02 6.15 17.61
CA HIS B 407 3.30 5.74 18.98
C HIS B 407 3.96 4.37 19.12
N ASP B 408 3.74 3.46 18.18
CA ASP B 408 4.39 2.16 18.18
C ASP B 408 5.06 2.02 16.82
N PRO B 409 6.40 1.99 16.79
CA PRO B 409 7.11 2.01 15.49
C PRO B 409 6.89 0.78 14.63
N ALA B 410 6.66 -0.37 15.24
CA ALA B 410 6.42 -1.60 14.49
C ALA B 410 5.06 -1.52 13.78
N ILE B 411 4.03 -1.10 14.51
CA ILE B 411 2.74 -0.88 13.89
C ILE B 411 2.88 0.21 12.83
N GLY B 412 3.69 1.21 13.13
CA GLY B 412 3.93 2.33 12.21
C GLY B 412 4.47 1.88 10.84
N LEU B 413 5.31 0.85 10.81
CA LEU B 413 5.84 0.32 9.54
C LEU B 413 4.74 -0.20 8.62
N ILE B 414 3.67 -0.68 9.24
CA ILE B 414 2.55 -1.23 8.51
C ILE B 414 1.48 -0.18 8.22
N MET B 415 1.32 0.76 9.13
CA MET B 415 0.15 1.63 9.05
C MET B 415 0.41 3.05 8.56
N THR B 416 1.68 3.41 8.40
CA THR B 416 2.03 4.77 7.95
C THR B 416 3.09 4.73 6.87
N GLY B 417 3.30 5.86 6.21
CA GLY B 417 4.45 6.03 5.37
C GLY B 417 4.12 6.34 3.93
N LEU B 418 4.96 7.20 3.35
CA LEU B 418 4.96 7.45 1.92
C LEU B 418 5.88 6.50 1.19
N SER B 419 6.76 5.84 1.92
CA SER B 419 7.83 5.03 1.31
C SER B 419 8.16 3.83 2.18
N ASP B 420 8.28 2.67 1.53
CA ASP B 420 8.77 1.46 2.18
C ASP B 420 10.28 1.24 2.00
N ARG B 421 11.00 2.21 1.44
CA ARG B 421 12.45 2.12 1.28
C ARG B 421 13.19 1.93 2.59
N ALA B 422 14.03 0.90 2.68
CA ALA B 422 14.82 0.65 3.89
C ALA B 422 16.01 1.61 3.93
N SER B 423 16.46 1.95 5.14
CA SER B 423 17.60 2.85 5.31
C SER B 423 18.92 2.03 5.23
N LEU B 424 18.95 0.97 6.02
CA LEU B 424 20.13 0.12 6.17
C LEU B 424 19.75 -1.32 5.98
N VAL B 425 20.43 -1.97 5.05
CA VAL B 425 20.23 -3.39 4.77
C VAL B 425 21.57 -4.14 4.76
N VAL B 426 21.66 -5.12 5.66
CA VAL B 426 22.82 -6.00 5.80
C VAL B 426 22.45 -7.45 5.41
N VAL B 427 23.22 -8.02 4.51
CA VAL B 427 23.04 -9.43 4.14
C VAL B 427 24.34 -10.20 4.35
N ASN B 428 24.27 -11.28 5.13
CA ASN B 428 25.43 -12.12 5.40
C ASN B 428 26.58 -11.30 5.96
N GLY B 429 26.23 -10.29 6.75
CA GLY B 429 27.18 -9.42 7.39
C GLY B 429 27.78 -8.35 6.51
N GLN B 430 27.37 -8.31 5.24
CA GLN B 430 27.79 -7.24 4.32
C GLN B 430 26.73 -6.16 4.21
N VAL B 431 27.14 -4.90 4.35
CA VAL B 431 26.20 -3.79 4.25
C VAL B 431 25.97 -3.52 2.77
N LEU B 432 24.73 -3.66 2.31
CA LEU B 432 24.42 -3.55 0.89
C LEU B 432 23.57 -2.34 0.56
N VAL B 433 22.84 -1.84 1.55
CA VAL B 433 22.09 -0.59 1.44
C VAL B 433 22.41 0.23 2.67
N GLU B 434 22.69 1.51 2.47
CA GLU B 434 22.90 2.44 3.58
C GLU B 434 22.47 3.83 3.15
N ASN B 435 21.90 4.58 4.09
CA ASN B 435 21.27 5.85 3.77
C ASN B 435 20.29 5.74 2.60
N GLU B 436 19.60 4.60 2.50
CA GLU B 436 18.60 4.36 1.45
C GLU B 436 19.19 4.23 0.03
N ARG B 437 20.49 3.97 -0.06
CA ARG B 437 21.16 3.82 -1.35
C ARG B 437 21.96 2.54 -1.41
N PRO B 438 22.01 1.89 -2.59
CA PRO B 438 22.93 0.74 -2.73
C PRO B 438 24.38 1.13 -2.47
N VAL B 439 25.10 0.29 -1.73
CA VAL B 439 26.49 0.56 -1.39
C VAL B 439 27.40 0.12 -2.54
N LEU B 440 27.07 -1.01 -3.17
CA LEU B 440 27.93 -1.65 -4.15
C LEU B 440 27.34 -1.67 -5.57
N ALA B 441 26.02 -1.84 -5.65
CA ALA B 441 25.35 -1.94 -6.94
C ALA B 441 25.28 -0.56 -7.57
N ASP B 442 25.43 -0.54 -8.89
CA ASP B 442 25.35 0.68 -9.66
C ASP B 442 23.93 0.89 -10.10
N LEU B 443 23.17 1.65 -9.32
CA LEU B 443 21.75 1.72 -9.51
C LEU B 443 21.33 2.18 -10.91
N GLU B 444 21.87 3.31 -11.36
CA GLU B 444 21.43 3.89 -12.63
C GLU B 444 21.81 3.00 -13.79
N ARG B 445 22.97 2.36 -13.69
CA ARG B 445 23.43 1.48 -14.76
C ARG B 445 22.57 0.24 -14.88
N ILE B 446 22.21 -0.35 -13.74
CA ILE B 446 21.31 -1.50 -13.73
C ILE B 446 19.96 -1.10 -14.34
N VAL B 447 19.46 0.07 -13.98
CA VAL B 447 18.20 0.55 -14.54
C VAL B 447 18.32 0.68 -16.07
N ALA B 448 19.36 1.36 -16.51
CA ALA B 448 19.59 1.54 -17.95
C ALA B 448 19.68 0.20 -18.67
N ASN B 449 20.53 -0.69 -18.18
CA ASN B 449 20.78 -1.93 -18.89
C ASN B 449 19.54 -2.81 -18.93
N THR B 450 18.75 -2.82 -17.86
CA THR B 450 17.63 -3.74 -17.84
C THR B 450 16.48 -3.16 -18.67
N THR B 451 16.29 -1.84 -18.60
CA THR B 451 15.23 -1.16 -19.34
C THR B 451 15.39 -1.43 -20.84
N ALA B 452 16.63 -1.41 -21.29
CA ALA B 452 16.95 -1.57 -22.70
C ALA B 452 16.61 -2.98 -23.18
N LEU B 453 16.52 -3.92 -22.24
CA LEU B 453 16.22 -5.31 -22.55
C LEU B 453 14.75 -5.71 -22.34
N ILE B 454 13.93 -4.86 -21.76
CA ILE B 454 12.51 -5.17 -21.61
C ILE B 454 11.89 -5.30 -23.03
N PRO B 455 11.27 -6.45 -23.35
CA PRO B 455 10.63 -6.60 -24.65
C PRO B 455 9.54 -5.54 -24.88
N LYS B 456 9.60 -4.84 -26.02
CA LYS B 456 8.60 -3.83 -26.37
C LYS B 456 7.59 -4.40 -27.36
ZN ZN C . -14.20 11.23 8.80
ZN ZN D . 3.56 -18.46 -7.96
#